data_7EPT
#
_entry.id   7EPT
#
_cell.length_a   1.00
_cell.length_b   1.00
_cell.length_c   1.00
_cell.angle_alpha   90.00
_cell.angle_beta   90.00
_cell.angle_gamma   90.00
#
_symmetry.space_group_name_H-M   'P 1'
#
loop_
_entity.id
_entity.type
_entity.pdbx_description
1 polymer 'Guanine nucleotide-binding protein G(s) subunit alpha isoforms short'
2 polymer 'Guanine nucleotide-binding protein G(I)/G(S)/G(T) subunit beta-1'
3 polymer 'Guanine nucleotide-binding protein G(I)/G(S)/G(O) subunit gamma-2'
4 polymer Nanobody-35
5 polymer 'Adhesion G-protein coupled receptor D1'
6 non-polymer 'PALMITIC ACID'
#
loop_
_entity_poly.entity_id
_entity_poly.type
_entity_poly.pdbx_seq_one_letter_code
_entity_poly.pdbx_strand_id
1 'polypeptide(L)'
;MGCLGNSKTEDQRNEEKAQREANKKIEKQLQKDKQVYRATHRLLLLGAGESGKNTIVKQMRILHVNGFNGEGGEEDPQAA
RSNSDGEKATKVQDIKNNLKEAIETIVAAMSNLVPPVELANPENQFRVDYILSVMNVPDFDFPPEFYEHAKALWEDEGVR
ACYERSNEYQLIDCAQYFLDKIDVIKQDDYVPSDQDLLRCRVLTSGIFETKFQVDKVNFHMFDVGAQRDERRKWIQCFND
VTAIIFVVASSSYNMVIREDNQTNRLQAALKLFDSIWNNKWLRDTSVILFLNKQDLLAEKVLAGKSKIEDYFPEFARYTT
PEDATPEPGEDPRVTRAKYFIRDEFLRISTASGDGRHYCYPHFTCAVDTENIRRVFNDCRDIIQRMHLRQYELL
;
A
2 'polypeptide(L)'
;MHHHHHHLEVLFQGPGSSQSELDQLRQEAEQLKNQIRDARKACADATLSQITNNIDPVGRIQMRTRRTLRGHLAKIYAMH
WGTDSRLLVSASQDGKLIIWDSYTTNKVHAIPLRSSWVMTCAYAPSGNYVACGGLDNICSIYNLKTREGNVRVSRELAGH
TGYLSCCRFLDDNQIVTSSGDTTCALWDIETGQQTTTFTGHTGDVMSLSLAPDTRLFVSGACDASAKLWDVREGMCRQTF
TGHESDINAICFFPNGNAFATGSDDATCRLFDLRADQELMTYSHDNIICGITSVSFSKSGRLLLAGYDDFNCNVWDALKA
DRAGVLAGHDNRVSCLGVTDDGMAVATGSWDSFLKIWN
;
B
3 'polypeptide(L)' MASNNTASIAQARKLVEQLKMEANIDRIKVSKAAADLMAYCEAHAKEDPLLTPVPASENPFREKKFFCAIL G
4 'polypeptide(L)'
;QVQLQESGGGLVQPGGSLRLSCAASGFTFSNYKMNWVRQAPGKGLEWVSDISQSGASISYTGSVKGRFTISRDNAKNTLY
LQMNSLKPEDTAVYYCARCPAPFTRDCFDVTSTTYAYRGQGTQVTVSS
;
N
5 'polypeptide(L)'
;TNFAILMQVVPLELARGHQVALSSISYVGCSLSVLCLVATLVTFAVLSSVSTIRNQRYHIHANLSFAVLVAQVLLLISFR
LEPGTTPCQVMAVLLHYFFLSAFAWMLVEGLHLYSMVIKVFGSEDSKHRYYYGMGWGFPLLICIISLSFAMDSYGTSNNC
WLSLASGAIWAFVAPALFVIVVNIGILIAVTRVISQISADNYKIHGDPSAFKLTAKAVAVLLPILGTSWVFGVLAVNGCA
VVFQYMFATLNSLQGLFIFLFHCLLNSEVRAAFKHKTKVWSLT
;
R
#
# COMPACT_ATOMS: atom_id res chain seq x y z
N GLN A 12 38.40 13.76 -15.76
CA GLN A 12 37.44 13.93 -16.84
C GLN A 12 36.05 14.29 -16.30
N ARG A 13 35.79 15.60 -16.19
CA ARG A 13 34.51 16.09 -15.72
C ARG A 13 33.46 16.17 -16.82
N ASN A 14 33.85 15.90 -18.07
CA ASN A 14 32.88 15.92 -19.17
C ASN A 14 31.80 14.87 -18.97
N GLU A 15 32.19 13.66 -18.53
CA GLU A 15 31.20 12.64 -18.26
C GLU A 15 30.30 13.05 -17.09
N GLU A 16 30.88 13.67 -16.07
CA GLU A 16 30.09 14.10 -14.91
C GLU A 16 29.08 15.16 -15.28
N LYS A 17 29.44 16.11 -16.15
CA LYS A 17 28.48 17.11 -16.58
C LYS A 17 27.47 16.57 -17.58
N ALA A 18 27.87 15.62 -18.44
CA ALA A 18 26.91 15.00 -19.34
C ALA A 18 25.87 14.21 -18.56
N GLN A 19 26.29 13.53 -17.49
CA GLN A 19 25.35 12.80 -16.66
C GLN A 19 24.36 13.75 -16.00
N ARG A 20 24.83 14.90 -15.51
CA ARG A 20 23.94 15.88 -14.92
C ARG A 20 22.97 16.44 -15.96
N GLU A 21 23.46 16.68 -17.18
CA GLU A 21 22.59 17.17 -18.24
C GLU A 21 21.50 16.16 -18.57
N ALA A 22 21.85 14.88 -18.66
CA ALA A 22 20.86 13.84 -18.91
C ALA A 22 19.87 13.74 -17.75
N ASN A 23 20.35 13.87 -16.52
CA ASN A 23 19.48 13.87 -15.36
C ASN A 23 18.46 15.00 -15.44
N LYS A 24 18.92 16.21 -15.74
CA LYS A 24 18.04 17.37 -15.84
C LYS A 24 17.14 17.33 -17.06
N LYS A 25 17.51 16.58 -18.09
CA LYS A 25 16.63 16.33 -19.22
C LYS A 25 15.51 15.35 -18.92
N ILE A 26 15.79 14.27 -18.20
CA ILE A 26 14.76 13.28 -17.94
C ILE A 26 13.93 13.66 -16.71
N GLU A 27 14.46 14.55 -15.87
CA GLU A 27 13.66 15.06 -14.76
C GLU A 27 12.52 15.94 -15.25
N LYS A 28 12.78 16.72 -16.31
CA LYS A 28 11.71 17.50 -16.91
C LYS A 28 10.62 16.59 -17.49
N GLN A 29 11.03 15.49 -18.13
CA GLN A 29 10.06 14.55 -18.67
C GLN A 29 9.27 13.88 -17.55
N LEU A 30 9.92 13.56 -16.43
CA LEU A 30 9.21 13.01 -15.28
C LEU A 30 8.21 14.01 -14.73
N GLN A 31 8.59 15.29 -14.66
CA GLN A 31 7.65 16.32 -14.22
C GLN A 31 6.45 16.39 -15.17
N LYS A 32 6.71 16.31 -16.48
CA LYS A 32 5.62 16.35 -17.44
C LYS A 32 4.69 15.16 -17.30
N ASP A 33 5.25 13.97 -17.06
CA ASP A 33 4.44 12.77 -16.90
C ASP A 33 3.73 12.72 -15.55
N LYS A 34 4.23 13.47 -14.56
CA LYS A 34 3.58 13.49 -13.25
C LYS A 34 2.17 14.05 -13.35
N GLN A 35 1.99 15.12 -14.12
CA GLN A 35 0.66 15.71 -14.27
C GLN A 35 -0.30 14.74 -14.95
N VAL A 36 0.18 14.03 -15.98
CA VAL A 36 -0.67 13.06 -16.67
C VAL A 36 -1.05 11.93 -15.73
N TYR A 37 -0.10 11.46 -14.92
CA TYR A 37 -0.39 10.40 -13.96
C TYR A 37 -1.39 10.85 -12.91
N ARG A 38 -1.23 12.06 -12.39
CA ARG A 38 -2.09 12.54 -11.31
C ARG A 38 -3.47 12.95 -11.82
N ALA A 39 -3.54 13.54 -13.01
CA ALA A 39 -4.81 14.02 -13.53
C ALA A 39 -5.74 12.89 -13.97
N THR A 40 -5.22 11.68 -14.13
CA THR A 40 -6.06 10.54 -14.51
C THR A 40 -6.39 9.70 -13.29
N HIS A 41 -7.54 9.05 -13.33
CA HIS A 41 -8.04 8.25 -12.23
C HIS A 41 -8.17 6.80 -12.70
N ARG A 42 -7.55 5.89 -11.97
CA ARG A 42 -7.58 4.46 -12.29
C ARG A 42 -8.77 3.79 -11.62
N LEU A 43 -9.35 2.82 -12.31
CA LEU A 43 -10.44 2.02 -11.77
C LEU A 43 -10.20 0.57 -12.11
N LEU A 44 -10.58 -0.32 -11.20
CA LEU A 44 -10.49 -1.76 -11.40
C LEU A 44 -11.90 -2.33 -11.52
N LEU A 45 -12.17 -2.96 -12.65
CA LEU A 45 -13.48 -3.54 -12.92
C LEU A 45 -13.38 -5.06 -12.85
N LEU A 46 -14.15 -5.67 -11.95
CA LEU A 46 -14.14 -7.11 -11.81
C LEU A 46 -15.51 -7.55 -11.30
N GLY A 47 -15.84 -8.82 -11.57
CA GLY A 47 -17.11 -9.36 -11.16
C GLY A 47 -16.97 -10.63 -10.33
N ALA A 48 -18.09 -11.28 -10.06
CA ALA A 48 -18.08 -12.52 -9.28
C ALA A 48 -17.50 -13.67 -10.08
N SER A 205 -3.56 -7.64 -24.44
CA SER A 205 -3.79 -9.05 -24.70
C SER A 205 -4.20 -9.78 -23.42
N GLY A 206 -3.38 -9.64 -22.38
CA GLY A 206 -3.69 -10.28 -21.12
C GLY A 206 -4.31 -9.36 -20.10
N ILE A 207 -4.37 -8.06 -20.42
CA ILE A 207 -5.04 -7.07 -19.59
C ILE A 207 -5.71 -6.08 -20.51
N PHE A 208 -6.87 -5.59 -20.10
CA PHE A 208 -7.69 -4.71 -20.91
C PHE A 208 -7.76 -3.33 -20.28
N GLU A 209 -7.57 -2.30 -21.10
CA GLU A 209 -7.60 -0.91 -20.65
C GLU A 209 -8.67 -0.16 -21.42
N THR A 210 -9.56 0.52 -20.70
CA THR A 210 -10.61 1.33 -21.29
C THR A 210 -10.46 2.75 -20.78
N LYS A 211 -10.35 3.70 -21.71
CA LYS A 211 -10.17 5.10 -21.37
C LYS A 211 -11.43 5.87 -21.74
N PHE A 212 -12.01 6.55 -20.76
CA PHE A 212 -13.17 7.41 -20.98
C PHE A 212 -13.01 8.67 -20.15
N GLN A 213 -13.62 9.75 -20.62
CA GLN A 213 -13.63 11.01 -19.90
C GLN A 213 -15.03 11.57 -19.84
N VAL A 214 -15.41 12.08 -18.67
CA VAL A 214 -16.70 12.70 -18.46
C VAL A 214 -16.47 13.99 -17.69
N ASP A 215 -17.06 15.09 -18.18
CA ASP A 215 -16.87 16.42 -17.59
C ASP A 215 -15.39 16.80 -17.57
N LYS A 216 -14.68 16.44 -18.64
CA LYS A 216 -13.30 16.86 -18.88
C LYS A 216 -12.34 16.37 -17.78
N VAL A 217 -12.62 15.22 -17.19
CA VAL A 217 -11.68 14.56 -16.28
C VAL A 217 -11.43 13.15 -16.81
N ASN A 218 -10.16 12.75 -16.81
CA ASN A 218 -9.75 11.51 -17.46
C ASN A 218 -9.85 10.34 -16.50
N PHE A 219 -10.37 9.22 -17.00
CA PHE A 219 -10.46 7.98 -16.25
C PHE A 219 -9.72 6.89 -17.00
N HIS A 220 -9.45 5.78 -16.30
CA HIS A 220 -8.69 4.68 -16.87
C HIS A 220 -9.18 3.40 -16.22
N MET A 221 -10.00 2.65 -16.93
CA MET A 221 -10.65 1.45 -16.40
C MET A 221 -9.88 0.21 -16.83
N PHE A 222 -9.83 -0.77 -15.93
CA PHE A 222 -9.07 -1.99 -16.14
C PHE A 222 -9.97 -3.20 -15.94
N ASP A 223 -9.70 -4.25 -16.72
CA ASP A 223 -10.49 -5.48 -16.64
C ASP A 223 -9.51 -6.65 -16.80
N VAL A 224 -9.16 -7.27 -15.69
CA VAL A 224 -8.24 -8.41 -15.70
C VAL A 224 -9.02 -9.69 -15.96
N GLY A 225 -9.23 -10.01 -17.24
CA GLY A 225 -10.05 -11.13 -17.60
C GLY A 225 -9.30 -12.26 -18.30
N ALA A 226 -7.98 -12.12 -18.39
CA ALA A 226 -7.13 -13.13 -19.03
C ALA A 226 -6.20 -13.78 -18.03
N GLN A 227 -6.65 -13.92 -16.78
CA GLN A 227 -5.83 -14.53 -15.74
C GLN A 227 -6.62 -15.60 -14.98
N ARG A 228 -6.04 -16.11 -13.91
CA ARG A 228 -6.62 -17.23 -13.18
C ARG A 228 -7.59 -16.73 -12.10
N ASP A 229 -8.17 -17.68 -11.38
CA ASP A 229 -9.14 -17.38 -10.33
C ASP A 229 -8.51 -17.11 -8.98
N GLU A 230 -7.19 -17.28 -8.86
CA GLU A 230 -6.49 -16.97 -7.60
C GLU A 230 -6.15 -15.49 -7.60
N ARG A 231 -7.16 -14.68 -7.29
CA ARG A 231 -7.01 -13.23 -7.26
C ARG A 231 -6.45 -12.77 -5.93
N ARG A 232 -5.34 -13.39 -5.52
CA ARG A 232 -4.77 -13.19 -4.21
C ARG A 232 -3.45 -12.45 -4.21
N LYS A 233 -2.63 -12.63 -5.24
CA LYS A 233 -1.35 -11.95 -5.35
C LYS A 233 -1.39 -10.70 -6.22
N TRP A 234 -2.20 -10.70 -7.28
CA TRP A 234 -2.28 -9.51 -8.13
C TRP A 234 -3.36 -8.53 -7.69
N ILE A 235 -4.18 -8.89 -6.71
CA ILE A 235 -5.11 -7.92 -6.14
C ILE A 235 -4.38 -6.90 -5.28
N GLN A 236 -3.15 -7.18 -4.87
CA GLN A 236 -2.36 -6.23 -4.11
C GLN A 236 -1.80 -5.11 -4.98
N CYS A 237 -1.75 -5.30 -6.29
CA CYS A 237 -1.29 -4.25 -7.17
C CYS A 237 -2.25 -3.07 -7.20
N PHE A 238 -3.54 -3.32 -7.00
CA PHE A 238 -4.56 -2.28 -7.06
C PHE A 238 -4.90 -1.77 -5.67
N ASN A 239 -3.91 -1.15 -5.02
CA ASN A 239 -4.14 -0.50 -3.74
C ASN A 239 -4.14 1.01 -3.80
N ASP A 240 -3.45 1.59 -4.78
CA ASP A 240 -3.50 3.04 -5.02
C ASP A 240 -4.63 3.43 -5.95
N VAL A 241 -5.39 2.46 -6.45
CA VAL A 241 -6.53 2.76 -7.30
C VAL A 241 -7.60 3.48 -6.49
N THR A 242 -8.26 4.46 -7.13
CA THR A 242 -9.20 5.30 -6.39
C THR A 242 -10.47 4.52 -6.03
N ALA A 243 -10.90 3.60 -6.88
CA ALA A 243 -12.12 2.85 -6.61
C ALA A 243 -12.07 1.51 -7.33
N ILE A 244 -12.83 0.55 -6.79
CA ILE A 244 -12.97 -0.77 -7.38
C ILE A 244 -14.42 -0.92 -7.78
N ILE A 245 -14.66 -1.13 -9.07
CA ILE A 245 -16.02 -1.32 -9.59
C ILE A 245 -16.34 -2.80 -9.45
N PHE A 246 -17.27 -3.12 -8.55
CA PHE A 246 -17.70 -4.49 -8.31
C PHE A 246 -19.05 -4.69 -9.00
N VAL A 247 -19.08 -5.56 -10.00
CA VAL A 247 -20.28 -5.83 -10.78
C VAL A 247 -20.83 -7.19 -10.36
N VAL A 248 -22.09 -7.22 -9.94
CA VAL A 248 -22.75 -8.44 -9.48
C VAL A 248 -23.90 -8.73 -10.42
N ALA A 249 -23.97 -9.96 -10.92
CA ALA A 249 -25.04 -10.36 -11.82
C ALA A 249 -26.33 -10.62 -11.04
N ASN A 264 -24.97 -20.64 -6.77
CA ASN A 264 -25.06 -19.52 -5.85
C ASN A 264 -24.00 -18.47 -6.15
N ARG A 265 -24.18 -17.73 -7.24
CA ARG A 265 -23.23 -16.66 -7.57
C ARG A 265 -23.31 -15.51 -6.58
N LEU A 266 -24.48 -15.28 -5.98
CA LEU A 266 -24.61 -14.20 -5.02
C LEU A 266 -23.74 -14.43 -3.80
N GLN A 267 -23.71 -15.67 -3.28
CA GLN A 267 -22.89 -15.94 -2.10
C GLN A 267 -21.41 -15.82 -2.43
N ALA A 268 -21.02 -16.25 -3.62
CA ALA A 268 -19.63 -16.08 -4.05
C ALA A 268 -19.27 -14.60 -4.15
N ALA A 269 -20.18 -13.79 -4.69
CA ALA A 269 -19.94 -12.35 -4.74
C ALA A 269 -19.82 -11.76 -3.34
N LEU A 270 -20.66 -12.21 -2.41
CA LEU A 270 -20.60 -11.70 -1.04
C LEU A 270 -19.26 -12.04 -0.39
N LYS A 271 -18.79 -13.28 -0.57
CA LYS A 271 -17.50 -13.64 0.00
C LYS A 271 -16.35 -12.91 -0.67
N LEU A 272 -16.42 -12.71 -1.99
CA LEU A 272 -15.39 -11.94 -2.66
C LEU A 272 -15.35 -10.51 -2.14
N PHE A 273 -16.52 -9.91 -1.92
CA PHE A 273 -16.58 -8.57 -1.35
C PHE A 273 -16.06 -8.54 0.09
N ASP A 274 -16.34 -9.58 0.88
CA ASP A 274 -15.70 -9.75 2.17
C ASP A 274 -14.18 -9.70 2.09
N SER A 275 -13.59 -10.51 1.21
CA SER A 275 -12.14 -10.57 1.10
C SER A 275 -11.57 -9.24 0.62
N ILE A 276 -12.23 -8.60 -0.34
CA ILE A 276 -11.73 -7.32 -0.85
C ILE A 276 -11.83 -6.24 0.23
N TRP A 277 -12.95 -6.20 0.95
CA TRP A 277 -13.14 -5.21 2.00
C TRP A 277 -12.13 -5.38 3.12
N ASN A 278 -11.90 -6.61 3.56
CA ASN A 278 -11.10 -6.86 4.75
C ASN A 278 -9.63 -7.06 4.46
N ASN A 279 -9.20 -6.99 3.20
CA ASN A 279 -7.79 -7.13 2.88
C ASN A 279 -6.99 -5.98 3.49
N LYS A 280 -5.87 -6.31 4.13
CA LYS A 280 -5.11 -5.30 4.86
C LYS A 280 -4.38 -4.34 3.93
N TRP A 281 -4.32 -4.63 2.64
CA TRP A 281 -3.76 -3.70 1.66
C TRP A 281 -4.81 -2.93 0.89
N LEU A 282 -6.07 -3.38 0.94
CA LEU A 282 -7.18 -2.69 0.30
C LEU A 282 -8.10 -2.02 1.32
N ARG A 283 -7.60 -1.73 2.53
CA ARG A 283 -8.40 -1.08 3.55
C ARG A 283 -8.67 0.38 3.24
N ASP A 284 -7.98 0.98 2.28
CA ASP A 284 -8.18 2.38 1.94
C ASP A 284 -8.72 2.55 0.52
N THR A 285 -9.26 1.50 -0.07
CA THR A 285 -9.78 1.52 -1.42
C THR A 285 -11.29 1.33 -1.38
N SER A 286 -12.02 2.30 -1.94
CA SER A 286 -13.47 2.25 -1.94
C SER A 286 -13.99 1.34 -3.05
N VAL A 287 -15.23 0.90 -2.88
CA VAL A 287 -15.87 -0.04 -3.81
C VAL A 287 -17.18 0.56 -4.29
N ILE A 288 -17.40 0.53 -5.60
CA ILE A 288 -18.62 1.02 -6.21
C ILE A 288 -19.37 -0.19 -6.76
N LEU A 289 -20.42 -0.61 -6.06
CA LEU A 289 -21.19 -1.77 -6.47
C LEU A 289 -22.05 -1.45 -7.68
N PHE A 290 -22.40 -2.50 -8.42
CA PHE A 290 -23.26 -2.40 -9.58
C PHE A 290 -24.11 -3.67 -9.63
N LEU A 291 -25.32 -3.59 -9.08
CA LEU A 291 -26.22 -4.73 -9.04
C LEU A 291 -26.99 -4.84 -10.34
N ASN A 292 -26.52 -5.68 -11.25
CA ASN A 292 -27.16 -5.84 -12.55
C ASN A 292 -28.35 -6.79 -12.44
N LYS A 293 -28.86 -7.21 -13.60
CA LYS A 293 -29.96 -8.16 -13.70
C LYS A 293 -31.19 -7.67 -12.94
N GLN A 294 -31.35 -6.35 -12.92
CA GLN A 294 -32.53 -5.75 -12.30
C GLN A 294 -33.82 -6.11 -13.03
N ASP A 295 -33.78 -6.18 -14.36
CA ASP A 295 -34.92 -6.62 -15.14
C ASP A 295 -35.02 -8.13 -15.24
N LEU A 296 -33.91 -8.85 -15.06
CA LEU A 296 -33.93 -10.31 -15.13
C LEU A 296 -34.57 -10.93 -13.90
N LEU A 297 -34.40 -10.32 -12.73
CA LEU A 297 -35.01 -10.84 -11.52
C LEU A 297 -36.52 -10.63 -11.48
N ALA A 298 -37.04 -9.66 -12.24
CA ALA A 298 -38.47 -9.40 -12.25
C ALA A 298 -39.26 -10.59 -12.74
N GLU A 299 -38.81 -11.22 -13.83
CA GLU A 299 -39.45 -12.43 -14.32
C GLU A 299 -39.09 -13.65 -13.49
N LYS A 300 -37.88 -13.68 -12.91
CA LYS A 300 -37.48 -14.82 -12.10
C LYS A 300 -38.34 -14.96 -10.86
N VAL A 301 -38.61 -13.85 -10.16
CA VAL A 301 -39.45 -13.92 -8.97
C VAL A 301 -40.89 -14.24 -9.35
N LEU A 302 -41.36 -13.71 -10.49
CA LEU A 302 -42.72 -13.99 -10.93
C LEU A 302 -42.90 -15.47 -11.26
N ALA A 303 -41.91 -16.08 -11.92
CA ALA A 303 -42.00 -17.50 -12.24
C ALA A 303 -42.00 -18.35 -10.97
N GLY A 304 -41.14 -18.01 -10.00
CA GLY A 304 -41.06 -18.75 -8.77
C GLY A 304 -40.35 -20.08 -8.87
N LYS A 305 -39.69 -20.36 -10.01
CA LYS A 305 -39.00 -21.64 -10.17
C LYS A 305 -37.84 -21.77 -9.19
N SER A 306 -37.07 -20.70 -9.00
CA SER A 306 -35.92 -20.68 -8.10
C SER A 306 -36.14 -19.53 -7.10
N LYS A 307 -36.83 -19.83 -6.00
CA LYS A 307 -37.10 -18.83 -4.99
C LYS A 307 -35.82 -18.38 -4.32
N ILE A 308 -35.72 -17.06 -4.08
CA ILE A 308 -34.55 -16.52 -3.39
C ILE A 308 -34.48 -17.02 -1.96
N GLU A 309 -35.64 -17.35 -1.37
CA GLU A 309 -35.67 -17.85 0.00
C GLU A 309 -34.98 -19.20 0.13
N ASP A 310 -34.83 -19.94 -0.96
CA ASP A 310 -34.12 -21.22 -0.91
C ASP A 310 -32.66 -21.02 -0.52
N TYR A 311 -32.01 -20.00 -1.07
CA TYR A 311 -30.61 -19.74 -0.76
C TYR A 311 -30.43 -18.79 0.41
N PHE A 312 -31.40 -17.91 0.65
CA PHE A 312 -31.35 -16.95 1.75
C PHE A 312 -32.63 -17.08 2.56
N PRO A 313 -32.61 -17.90 3.62
CA PRO A 313 -33.84 -18.07 4.42
C PRO A 313 -34.32 -16.80 5.10
N GLU A 314 -33.44 -15.83 5.32
CA GLU A 314 -33.84 -14.62 6.03
C GLU A 314 -34.77 -13.75 5.19
N PHE A 315 -34.81 -13.96 3.87
CA PHE A 315 -35.66 -13.17 2.99
C PHE A 315 -37.14 -13.31 3.33
N ALA A 316 -37.54 -14.39 4.00
CA ALA A 316 -38.94 -14.58 4.34
C ALA A 316 -39.44 -13.59 5.38
N ARG A 317 -38.54 -12.83 6.01
CA ARG A 317 -38.92 -11.87 7.04
C ARG A 317 -38.23 -10.53 6.83
N TYR A 318 -37.95 -10.17 5.58
CA TYR A 318 -37.32 -8.89 5.25
C TYR A 318 -38.37 -7.94 4.71
N THR A 319 -38.46 -6.76 5.33
CA THR A 319 -39.40 -5.72 4.92
C THR A 319 -38.62 -4.51 4.42
N THR A 320 -39.15 -3.87 3.38
CA THR A 320 -38.48 -2.73 2.80
C THR A 320 -38.43 -1.58 3.80
N PRO A 321 -37.28 -0.93 3.97
CA PRO A 321 -37.18 0.14 4.99
C PRO A 321 -37.96 1.40 4.65
N GLU A 322 -38.67 1.43 3.53
CA GLU A 322 -39.60 2.50 3.16
C GLU A 322 -38.88 3.78 2.77
N ASP A 323 -37.57 3.84 2.94
CA ASP A 323 -36.76 4.93 2.38
C ASP A 323 -36.19 4.54 1.02
N ALA A 324 -37.08 4.09 0.13
CA ALA A 324 -36.70 3.56 -1.16
C ALA A 324 -37.29 4.42 -2.27
N THR A 325 -36.89 4.11 -3.50
CA THR A 325 -37.38 4.78 -4.70
C THR A 325 -37.85 3.74 -5.70
N PRO A 326 -38.99 3.10 -5.45
CA PRO A 326 -39.49 2.08 -6.36
C PRO A 326 -39.99 2.71 -7.65
N GLU A 327 -39.54 2.16 -8.78
CA GLU A 327 -39.97 2.66 -10.08
C GLU A 327 -41.38 2.16 -10.38
N PRO A 328 -42.32 3.06 -10.71
CA PRO A 328 -43.68 2.61 -11.03
C PRO A 328 -43.68 1.65 -12.22
N GLY A 329 -44.08 0.41 -11.97
CA GLY A 329 -44.13 -0.60 -13.00
C GLY A 329 -43.62 -1.95 -12.53
N GLU A 330 -43.06 -1.99 -11.33
CA GLU A 330 -42.52 -3.21 -10.74
C GLU A 330 -43.25 -3.53 -9.45
N ASP A 331 -43.57 -4.79 -9.25
CA ASP A 331 -44.25 -5.23 -8.04
C ASP A 331 -43.34 -5.07 -6.83
N PRO A 332 -43.90 -4.99 -5.63
CA PRO A 332 -43.05 -4.84 -4.43
C PRO A 332 -42.07 -5.98 -4.22
N ARG A 333 -42.32 -7.14 -4.83
CA ARG A 333 -41.42 -8.28 -4.65
C ARG A 333 -40.02 -7.98 -5.19
N VAL A 334 -39.94 -7.38 -6.37
CA VAL A 334 -38.64 -7.09 -6.97
C VAL A 334 -37.93 -5.96 -6.21
N THR A 335 -38.66 -4.91 -5.85
CA THR A 335 -38.07 -3.82 -5.11
C THR A 335 -37.76 -4.20 -3.66
N ARG A 336 -38.23 -5.34 -3.19
CA ARG A 336 -37.76 -5.90 -1.93
C ARG A 336 -36.55 -6.79 -2.13
N ALA A 337 -36.56 -7.58 -3.21
CA ALA A 337 -35.42 -8.46 -3.50
C ALA A 337 -34.15 -7.66 -3.72
N LYS A 338 -34.22 -6.60 -4.52
CA LYS A 338 -33.02 -5.80 -4.79
C LYS A 338 -32.44 -5.23 -3.50
N TYR A 339 -33.30 -4.67 -2.66
CA TYR A 339 -32.83 -4.07 -1.41
C TYR A 339 -32.35 -5.15 -0.45
N PHE A 340 -32.78 -6.40 -0.61
CA PHE A 340 -32.21 -7.47 0.20
C PHE A 340 -30.72 -7.66 -0.09
N ILE A 341 -30.34 -7.80 -1.36
CA ILE A 341 -28.93 -7.94 -1.69
C ILE A 341 -28.17 -6.68 -1.33
N ARG A 342 -28.78 -5.51 -1.53
CA ARG A 342 -28.14 -4.27 -1.12
C ARG A 342 -27.86 -4.26 0.38
N ASP A 343 -28.81 -4.73 1.18
CA ASP A 343 -28.63 -4.74 2.63
C ASP A 343 -27.60 -5.77 3.05
N GLU A 344 -27.52 -6.90 2.33
CA GLU A 344 -26.47 -7.87 2.62
C GLU A 344 -25.08 -7.27 2.38
N PHE A 345 -24.92 -6.60 1.23
CA PHE A 345 -23.63 -5.99 0.92
C PHE A 345 -23.30 -4.88 1.92
N LEU A 346 -24.29 -4.09 2.32
CA LEU A 346 -24.05 -3.04 3.30
C LEU A 346 -23.77 -3.60 4.69
N ARG A 347 -24.36 -4.75 5.03
CA ARG A 347 -24.02 -5.43 6.28
C ARG A 347 -22.56 -5.86 6.27
N ILE A 348 -22.08 -6.36 5.13
CA ILE A 348 -20.66 -6.64 5.00
C ILE A 348 -19.84 -5.36 5.15
N SER A 349 -20.29 -4.29 4.51
CA SER A 349 -19.47 -3.07 4.41
C SER A 349 -19.36 -2.36 5.76
N THR A 350 -20.49 -1.91 6.30
CA THR A 350 -20.48 -1.11 7.52
C THR A 350 -20.49 -1.98 8.77
N ALA A 351 -19.52 -2.89 8.88
CA ALA A 351 -19.41 -3.73 10.07
C ALA A 351 -18.00 -3.86 10.61
N SER A 352 -16.95 -3.67 9.81
CA SER A 352 -15.59 -3.94 10.25
C SER A 352 -14.63 -3.15 9.36
N GLY A 353 -13.37 -3.52 9.39
CA GLY A 353 -12.35 -2.89 8.57
C GLY A 353 -11.59 -1.76 9.23
N ASP A 354 -12.31 -0.77 9.76
CA ASP A 354 -11.72 0.38 10.43
C ASP A 354 -10.71 1.08 9.51
N GLY A 355 -11.09 1.27 8.25
CA GLY A 355 -10.20 1.87 7.27
C GLY A 355 -10.84 3.09 6.62
N ARG A 356 -10.03 3.78 5.82
CA ARG A 356 -10.43 4.98 5.10
C ARG A 356 -11.02 4.57 3.76
N HIS A 357 -12.23 3.99 3.80
CA HIS A 357 -12.89 3.55 2.58
C HIS A 357 -14.38 3.40 2.83
N TYR A 358 -15.16 3.52 1.75
CA TYR A 358 -16.61 3.46 1.79
C TYR A 358 -17.14 2.70 0.59
N CYS A 359 -18.39 2.29 0.67
CA CYS A 359 -19.05 1.51 -0.37
C CYS A 359 -20.24 2.28 -0.93
N TYR A 360 -20.44 2.19 -2.24
CA TYR A 360 -21.45 2.96 -2.94
C TYR A 360 -22.34 2.03 -3.77
N PRO A 361 -23.44 1.55 -3.21
CA PRO A 361 -24.33 0.66 -3.97
C PRO A 361 -25.05 1.40 -5.08
N HIS A 362 -25.40 0.64 -6.12
CA HIS A 362 -26.16 1.19 -7.24
C HIS A 362 -26.93 0.07 -7.91
N PHE A 363 -27.95 0.46 -8.67
CA PHE A 363 -28.74 -0.48 -9.46
C PHE A 363 -28.68 -0.07 -10.91
N THR A 364 -28.37 -1.02 -11.78
CA THR A 364 -28.32 -0.80 -13.22
C THR A 364 -29.18 -1.82 -13.94
N CYS A 365 -29.28 -1.66 -15.26
CA CYS A 365 -30.07 -2.55 -16.09
C CYS A 365 -29.30 -2.83 -17.37
N ALA A 366 -29.96 -3.48 -18.33
CA ALA A 366 -29.35 -3.83 -19.60
C ALA A 366 -29.64 -2.80 -20.69
N VAL A 367 -30.34 -1.72 -20.38
CA VAL A 367 -30.69 -0.72 -21.38
C VAL A 367 -30.19 0.67 -21.05
N ASP A 368 -29.80 0.96 -19.81
CA ASP A 368 -29.35 2.29 -19.45
C ASP A 368 -27.89 2.51 -19.84
N THR A 369 -27.53 3.78 -20.05
CA THR A 369 -26.17 4.15 -20.40
C THR A 369 -25.64 5.27 -19.50
N GLU A 370 -26.24 5.45 -18.32
CA GLU A 370 -25.85 6.50 -17.40
C GLU A 370 -24.96 6.00 -16.27
N ASN A 371 -24.45 4.77 -16.37
CA ASN A 371 -23.60 4.24 -15.32
C ASN A 371 -22.27 4.99 -15.23
N ILE A 372 -21.81 5.54 -16.35
CA ILE A 372 -20.57 6.31 -16.33
C ILE A 372 -20.74 7.57 -15.49
N ARG A 373 -21.91 8.20 -15.57
CA ARG A 373 -22.20 9.34 -14.70
C ARG A 373 -22.19 8.95 -13.23
N ARG A 374 -22.75 7.77 -12.91
CA ARG A 374 -22.74 7.31 -11.53
C ARG A 374 -21.33 7.05 -11.04
N VAL A 375 -20.48 6.45 -11.88
CA VAL A 375 -19.08 6.24 -11.51
C VAL A 375 -18.39 7.58 -11.29
N PHE A 376 -18.67 8.55 -12.15
CA PHE A 376 -18.07 9.88 -12.02
C PHE A 376 -18.46 10.52 -10.69
N ASN A 377 -19.75 10.47 -10.35
CA ASN A 377 -20.21 11.06 -9.09
C ASN A 377 -19.61 10.35 -7.89
N ASP A 378 -19.56 9.02 -7.93
CA ASP A 378 -19.00 8.27 -6.81
C ASP A 378 -17.52 8.57 -6.63
N CYS A 379 -16.77 8.67 -7.73
CA CYS A 379 -15.36 9.03 -7.63
C CYS A 379 -15.19 10.43 -7.10
N ARG A 380 -16.04 11.37 -7.53
CA ARG A 380 -16.00 12.71 -6.98
C ARG A 380 -16.16 12.67 -5.47
N ASP A 381 -17.12 11.88 -4.99
CA ASP A 381 -17.32 11.74 -3.56
C ASP A 381 -16.10 11.13 -2.88
N ILE A 382 -15.48 10.13 -3.52
CA ILE A 382 -14.35 9.44 -2.89
C ILE A 382 -13.18 10.39 -2.69
N ILE A 383 -12.78 11.09 -3.75
CA ILE A 383 -11.67 12.04 -3.60
C ILE A 383 -12.07 13.20 -2.71
N GLN A 384 -13.34 13.60 -2.70
CA GLN A 384 -13.79 14.65 -1.80
C GLN A 384 -13.58 14.25 -0.35
N ARG A 385 -14.02 13.05 0.01
CA ARG A 385 -13.86 12.57 1.38
C ARG A 385 -12.39 12.39 1.74
N MET A 386 -11.59 11.90 0.81
CA MET A 386 -10.16 11.74 1.08
C MET A 386 -9.49 13.09 1.34
N HIS A 387 -9.82 14.11 0.55
CA HIS A 387 -9.29 15.45 0.80
C HIS A 387 -9.76 15.99 2.15
N LEU A 388 -11.05 15.81 2.46
CA LEU A 388 -11.58 16.30 3.73
C LEU A 388 -10.88 15.63 4.91
N ARG A 389 -10.58 14.34 4.78
CA ARG A 389 -9.91 13.65 5.87
C ARG A 389 -8.44 14.03 5.96
N GLN A 390 -7.81 14.41 4.83
CA GLN A 390 -6.49 15.02 4.93
C GLN A 390 -6.54 16.32 5.71
N TYR A 391 -7.56 17.14 5.49
CA TYR A 391 -7.72 18.32 6.34
C TYR A 391 -8.22 17.97 7.73
N GLU A 392 -8.60 16.73 7.97
CA GLU A 392 -9.13 16.28 9.26
C GLU A 392 -10.38 17.06 9.64
N LEU A 393 -11.26 17.27 8.66
CA LEU A 393 -12.56 17.87 8.95
C LEU A 393 -13.62 16.80 9.14
N LEU A 394 -13.63 15.81 8.27
CA LEU A 394 -14.56 14.69 8.40
C LEU A 394 -13.80 13.44 8.86
N GLN B 19 -11.88 -43.88 -8.64
CA GLN B 19 -11.49 -45.14 -9.27
C GLN B 19 -10.47 -45.89 -8.44
N SER B 20 -10.42 -47.21 -8.60
CA SER B 20 -9.46 -48.02 -7.86
C SER B 20 -8.03 -47.66 -8.24
N GLU B 21 -7.77 -47.43 -9.52
CA GLU B 21 -6.42 -47.08 -9.96
C GLU B 21 -5.98 -45.76 -9.33
N LEU B 22 -6.87 -44.76 -9.32
CA LEU B 22 -6.50 -43.47 -8.74
C LEU B 22 -6.22 -43.58 -7.25
N ASP B 23 -7.05 -44.33 -6.52
CA ASP B 23 -6.83 -44.50 -5.09
C ASP B 23 -5.52 -45.23 -4.81
N GLN B 24 -5.25 -46.30 -5.57
CA GLN B 24 -4.01 -47.04 -5.40
C GLN B 24 -2.80 -46.16 -5.71
N LEU B 25 -2.91 -45.33 -6.75
CA LEU B 25 -1.80 -44.48 -7.13
C LEU B 25 -1.56 -43.39 -6.09
N ARG B 26 -2.63 -42.85 -5.52
CA ARG B 26 -2.48 -41.88 -4.44
C ARG B 26 -1.86 -42.51 -3.21
N GLN B 27 -2.26 -43.75 -2.89
CA GLN B 27 -1.63 -44.44 -1.76
C GLN B 27 -0.15 -44.69 -2.02
N GLU B 28 0.20 -45.03 -3.25
CA GLU B 28 1.61 -45.22 -3.62
C GLU B 28 2.39 -43.92 -3.46
N ALA B 29 1.80 -42.80 -3.90
CA ALA B 29 2.45 -41.51 -3.73
C ALA B 29 2.63 -41.17 -2.25
N GLU B 30 1.63 -41.48 -1.43
CA GLU B 30 1.76 -41.26 0.02
C GLU B 30 2.87 -42.12 0.60
N GLN B 31 2.99 -43.37 0.14
CA GLN B 31 4.05 -44.24 0.64
C GLN B 31 5.43 -43.69 0.32
N LEU B 32 5.63 -43.21 -0.92
CA LEU B 32 6.91 -42.60 -1.25
C LEU B 32 7.14 -41.29 -0.50
N LYS B 33 6.09 -40.52 -0.23
CA LYS B 33 6.26 -39.33 0.60
C LYS B 33 6.75 -39.73 1.99
N ASN B 34 6.19 -40.80 2.56
CA ASN B 34 6.64 -41.28 3.85
C ASN B 34 8.08 -41.78 3.80
N GLN B 35 8.44 -42.44 2.70
CA GLN B 35 9.82 -42.91 2.54
C GLN B 35 10.80 -41.74 2.48
N ILE B 36 10.44 -40.70 1.74
CA ILE B 36 11.29 -39.51 1.67
C ILE B 36 11.41 -38.86 3.04
N ARG B 37 10.30 -38.77 3.77
CA ARG B 37 10.35 -38.19 5.10
C ARG B 37 11.25 -38.99 6.03
N ASP B 38 11.16 -40.32 5.97
CA ASP B 38 12.01 -41.17 6.79
C ASP B 38 13.48 -41.02 6.42
N ALA B 39 13.78 -40.94 5.12
CA ALA B 39 15.16 -40.75 4.69
C ALA B 39 15.72 -39.42 5.18
N ARG B 40 14.92 -38.35 5.08
CA ARG B 40 15.38 -37.05 5.57
C ARG B 40 15.58 -37.08 7.07
N LYS B 41 14.67 -37.73 7.81
CA LYS B 41 14.82 -37.81 9.26
C LYS B 41 16.07 -38.56 9.65
N ALA B 42 16.36 -39.68 8.97
CA ALA B 42 17.59 -40.41 9.23
C ALA B 42 18.82 -39.60 8.83
N CYS B 43 18.67 -38.70 7.86
CA CYS B 43 19.79 -37.88 7.44
C CYS B 43 20.17 -36.84 8.49
N ALA B 44 19.21 -36.37 9.29
CA ALA B 44 19.43 -35.26 10.21
C ALA B 44 20.01 -35.79 11.52
N ASP B 45 21.31 -36.09 11.49
CA ASP B 45 22.00 -36.53 12.69
C ASP B 45 22.10 -35.42 13.72
N ALA B 46 22.41 -34.20 13.28
CA ALA B 46 22.54 -33.05 14.18
C ALA B 46 21.79 -31.88 13.56
N THR B 47 21.85 -30.74 14.24
CA THR B 47 21.19 -29.53 13.78
C THR B 47 22.19 -28.38 13.75
N LEU B 48 21.96 -27.44 12.84
CA LEU B 48 22.88 -26.31 12.69
C LEU B 48 22.94 -25.45 13.94
N SER B 49 21.87 -25.42 14.73
CA SER B 49 21.87 -24.62 15.95
C SER B 49 22.90 -25.13 16.94
N GLN B 50 23.01 -26.45 17.10
CA GLN B 50 23.94 -27.01 18.07
C GLN B 50 25.34 -27.20 17.51
N ILE B 51 25.55 -26.90 16.22
CA ILE B 51 26.89 -26.98 15.66
C ILE B 51 27.57 -25.61 15.74
N THR B 52 26.79 -24.54 15.66
CA THR B 52 27.31 -23.17 15.58
C THR B 52 27.29 -22.45 16.93
N ASN B 53 27.47 -23.15 18.04
CA ASN B 53 27.49 -22.50 19.33
C ASN B 53 28.88 -22.01 19.73
N ASN B 54 29.92 -22.35 18.98
CA ASN B 54 31.28 -21.95 19.31
C ASN B 54 31.81 -20.92 18.33
N ILE B 55 30.93 -20.03 17.87
CA ILE B 55 31.30 -18.94 16.98
C ILE B 55 30.89 -17.63 17.61
N ASP B 56 31.78 -16.66 17.57
CA ASP B 56 31.50 -15.37 18.20
C ASP B 56 30.38 -14.66 17.45
N PRO B 57 29.40 -14.10 18.15
CA PRO B 57 28.33 -13.38 17.45
C PRO B 57 28.86 -12.15 16.73
N VAL B 58 28.21 -11.82 15.62
CA VAL B 58 28.63 -10.68 14.82
C VAL B 58 28.46 -9.37 15.58
N GLY B 59 27.63 -9.36 16.62
CA GLY B 59 27.42 -8.17 17.40
C GLY B 59 26.18 -7.41 16.96
N ARG B 60 26.28 -6.09 16.93
CA ARG B 60 25.19 -5.23 16.49
C ARG B 60 25.59 -4.57 15.17
N ILE B 61 24.77 -4.74 14.16
CA ILE B 61 25.03 -4.19 12.83
C ILE B 61 24.17 -2.94 12.67
N GLN B 62 24.82 -1.79 12.56
CA GLN B 62 24.15 -0.52 12.34
C GLN B 62 24.43 -0.05 10.92
N MET B 63 23.36 0.12 10.14
CA MET B 63 23.48 0.62 8.78
C MET B 63 22.57 1.84 8.63
N ARG B 64 23.09 2.85 7.93
CA ARG B 64 22.42 4.13 7.79
C ARG B 64 22.09 4.39 6.32
N THR B 65 21.02 5.14 6.10
CA THR B 65 20.59 5.48 4.75
C THR B 65 21.58 6.48 4.16
N ARG B 66 22.50 5.98 3.33
CA ARG B 66 23.48 6.87 2.71
C ARG B 66 22.85 7.69 1.60
N ARG B 67 22.01 7.07 0.77
CA ARG B 67 21.33 7.75 -0.32
C ARG B 67 19.84 7.41 -0.30
N THR B 68 19.01 8.42 -0.51
CA THR B 68 17.58 8.23 -0.74
C THR B 68 17.27 8.67 -2.16
N LEU B 69 16.75 7.75 -2.95
CA LEU B 69 16.58 7.95 -4.39
C LEU B 69 15.12 8.25 -4.68
N ARG B 70 14.82 9.49 -5.08
CA ARG B 70 13.47 9.93 -5.35
C ARG B 70 13.28 10.09 -6.85
N GLY B 71 12.02 10.00 -7.29
CA GLY B 71 11.73 10.15 -8.69
C GLY B 71 10.62 9.24 -9.19
N HIS B 72 10.08 8.40 -8.32
CA HIS B 72 9.00 7.50 -8.68
C HIS B 72 7.68 8.06 -8.18
N LEU B 73 6.63 7.88 -8.99
CA LEU B 73 5.32 8.39 -8.62
C LEU B 73 4.48 7.35 -7.91
N ALA B 74 4.41 6.14 -8.46
CA ALA B 74 3.68 5.05 -7.85
C ALA B 74 4.63 4.24 -6.96
N LYS B 75 4.17 3.10 -6.48
CA LYS B 75 4.93 2.26 -5.56
C LYS B 75 5.95 1.44 -6.33
N ILE B 76 7.17 1.34 -5.78
CA ILE B 76 8.22 0.52 -6.37
C ILE B 76 7.93 -0.94 -6.08
N TYR B 77 7.85 -1.76 -7.13
CA TYR B 77 7.46 -3.14 -6.98
C TYR B 77 8.62 -4.11 -7.24
N ALA B 78 9.70 -3.65 -7.86
CA ALA B 78 10.84 -4.52 -8.13
C ALA B 78 12.09 -3.67 -8.23
N MET B 79 13.24 -4.34 -8.11
CA MET B 79 14.54 -3.67 -8.13
C MET B 79 15.60 -4.73 -8.40
N HIS B 80 16.63 -4.35 -9.16
CA HIS B 80 17.74 -5.25 -9.42
C HIS B 80 19.02 -4.46 -9.56
N TRP B 81 20.07 -4.92 -8.89
CA TRP B 81 21.38 -4.31 -9.00
C TRP B 81 22.09 -4.80 -10.26
N GLY B 82 23.08 -4.03 -10.68
CA GLY B 82 23.94 -4.45 -11.76
C GLY B 82 25.17 -5.19 -11.26
N THR B 83 25.85 -5.87 -12.19
CA THR B 83 27.03 -6.63 -11.82
C THR B 83 28.19 -5.74 -11.40
N ASP B 84 28.19 -4.47 -11.78
CA ASP B 84 29.25 -3.55 -11.43
C ASP B 84 29.02 -2.85 -10.09
N SER B 85 27.90 -3.12 -9.43
CA SER B 85 27.55 -2.51 -8.14
C SER B 85 27.47 -0.98 -8.24
N ARG B 86 27.11 -0.46 -9.40
CA ARG B 86 26.91 0.97 -9.60
C ARG B 86 25.51 1.31 -10.07
N LEU B 87 25.01 0.60 -11.08
CA LEU B 87 23.74 0.92 -11.71
C LEU B 87 22.68 -0.07 -11.25
N LEU B 88 21.53 0.44 -10.83
CA LEU B 88 20.41 -0.40 -10.42
C LEU B 88 19.14 0.10 -11.09
N VAL B 89 18.27 -0.82 -11.46
CA VAL B 89 17.04 -0.50 -12.16
C VAL B 89 15.88 -0.68 -11.20
N SER B 90 14.82 0.11 -11.41
CA SER B 90 13.66 0.12 -10.54
C SER B 90 12.39 0.11 -11.37
N ALA B 91 11.39 -0.61 -10.88
CA ALA B 91 10.11 -0.75 -11.58
C ALA B 91 9.01 -0.19 -10.70
N SER B 92 8.14 0.64 -11.28
CA SER B 92 7.08 1.30 -10.55
C SER B 92 5.76 1.11 -11.27
N GLN B 93 4.67 1.20 -10.53
CA GLN B 93 3.34 0.94 -11.05
C GLN B 93 2.84 2.05 -11.96
N ASP B 94 3.56 3.16 -12.07
CA ASP B 94 3.21 4.24 -12.98
C ASP B 94 3.72 4.00 -14.39
N GLY B 95 4.46 2.92 -14.63
CA GLY B 95 4.93 2.60 -15.95
C GLY B 95 6.30 3.17 -16.26
N LYS B 96 7.23 3.06 -15.32
CA LYS B 96 8.56 3.61 -15.49
C LYS B 96 9.62 2.60 -15.10
N LEU B 97 10.76 2.66 -15.78
CA LEU B 97 11.95 1.89 -15.45
C LEU B 97 13.11 2.87 -15.41
N ILE B 98 13.55 3.23 -14.21
CA ILE B 98 14.59 4.23 -14.02
C ILE B 98 15.89 3.53 -13.68
N ILE B 99 16.95 3.84 -14.43
CA ILE B 99 18.27 3.28 -14.22
C ILE B 99 19.08 4.32 -13.44
N TRP B 100 19.29 4.06 -12.16
CA TRP B 100 19.91 5.02 -11.27
C TRP B 100 21.42 4.82 -11.23
N ASP B 101 22.11 5.85 -10.77
CA ASP B 101 23.53 5.78 -10.44
C ASP B 101 23.65 5.98 -8.94
N SER B 102 23.95 4.90 -8.22
CA SER B 102 23.94 4.94 -6.76
C SER B 102 24.99 5.91 -6.23
N TYR B 103 26.16 5.96 -6.86
CA TYR B 103 27.25 6.77 -6.34
C TYR B 103 26.91 8.25 -6.36
N THR B 104 26.27 8.72 -7.44
CA THR B 104 26.03 10.14 -7.64
C THR B 104 24.55 10.53 -7.55
N THR B 105 23.66 9.56 -7.33
CA THR B 105 22.22 9.82 -7.25
C THR B 105 21.75 10.56 -8.50
N ASN B 106 22.15 10.04 -9.66
CA ASN B 106 21.81 10.62 -10.95
C ASN B 106 21.09 9.58 -11.78
N LYS B 107 19.89 9.92 -12.25
CA LYS B 107 19.15 9.01 -13.12
C LYS B 107 19.81 8.99 -14.49
N VAL B 108 19.98 7.79 -15.03
CA VAL B 108 20.63 7.61 -16.32
C VAL B 108 19.63 7.31 -17.44
N HIS B 109 18.55 6.60 -17.16
CA HIS B 109 17.53 6.31 -18.16
C HIS B 109 16.17 6.32 -17.49
N ALA B 110 15.13 6.62 -18.27
CA ALA B 110 13.75 6.61 -17.82
C ALA B 110 12.93 5.96 -18.92
N ILE B 111 12.77 4.64 -18.83
CA ILE B 111 12.10 3.86 -19.86
C ILE B 111 10.61 3.86 -19.56
N PRO B 112 9.77 4.38 -20.45
CA PRO B 112 8.32 4.27 -20.26
C PRO B 112 7.82 2.92 -20.73
N LEU B 113 6.97 2.28 -19.93
CA LEU B 113 6.49 0.94 -20.22
C LEU B 113 5.12 1.00 -20.88
N ARG B 114 4.84 0.00 -21.74
CA ARG B 114 3.56 -0.08 -22.40
C ARG B 114 2.42 -0.29 -21.42
N SER B 115 2.63 -1.16 -20.42
CA SER B 115 1.65 -1.44 -19.39
C SER B 115 2.18 -0.94 -18.06
N SER B 116 1.36 -0.16 -17.35
CA SER B 116 1.80 0.46 -16.10
C SER B 116 2.01 -0.55 -14.99
N TRP B 117 1.32 -1.70 -15.07
CA TRP B 117 1.36 -2.69 -14.00
C TRP B 117 2.53 -3.63 -14.24
N VAL B 118 3.69 -3.28 -13.69
CA VAL B 118 4.91 -4.06 -13.83
C VAL B 118 5.32 -4.59 -12.46
N MET B 119 5.54 -5.89 -12.38
CA MET B 119 5.84 -6.54 -11.11
C MET B 119 7.25 -7.12 -11.05
N THR B 120 8.10 -6.86 -12.04
CA THR B 120 9.43 -7.44 -12.06
C THR B 120 10.35 -6.58 -12.93
N CYS B 121 11.65 -6.73 -12.69
CA CYS B 121 12.66 -6.07 -13.50
C CYS B 121 13.97 -6.83 -13.33
N ALA B 122 14.69 -7.03 -14.42
CA ALA B 122 15.94 -7.76 -14.41
C ALA B 122 17.00 -6.98 -15.18
N TYR B 123 18.19 -6.88 -14.59
CA TYR B 123 19.33 -6.22 -15.20
C TYR B 123 20.28 -7.29 -15.72
N ALA B 124 20.60 -7.22 -17.01
CA ALA B 124 21.48 -8.21 -17.59
C ALA B 124 22.88 -8.12 -17.00
N PRO B 125 23.58 -9.24 -16.87
CA PRO B 125 24.95 -9.18 -16.34
C PRO B 125 25.90 -8.34 -17.17
N SER B 126 25.67 -8.27 -18.49
CA SER B 126 26.51 -7.47 -19.37
C SER B 126 26.16 -5.98 -19.34
N GLY B 127 25.01 -5.61 -18.79
CA GLY B 127 24.61 -4.22 -18.73
C GLY B 127 23.98 -3.67 -19.99
N ASN B 128 23.72 -4.52 -20.99
CA ASN B 128 23.17 -4.08 -22.26
C ASN B 128 21.66 -4.12 -22.32
N TYR B 129 21.02 -5.03 -21.59
CA TYR B 129 19.58 -5.19 -21.63
C TYR B 129 18.99 -5.10 -20.23
N VAL B 130 17.73 -4.66 -20.17
CA VAL B 130 16.93 -4.68 -18.96
C VAL B 130 15.55 -5.22 -19.32
N ALA B 131 14.99 -6.01 -18.43
CA ALA B 131 13.71 -6.66 -18.68
C ALA B 131 12.66 -6.15 -17.70
N CYS B 132 11.39 -6.33 -18.08
CA CYS B 132 10.28 -5.95 -17.23
C CYS B 132 9.08 -6.81 -17.60
N GLY B 133 8.15 -6.92 -16.67
CA GLY B 133 6.95 -7.69 -16.90
C GLY B 133 5.98 -7.55 -15.75
N GLY B 134 4.72 -7.83 -16.04
CA GLY B 134 3.66 -7.68 -15.05
C GLY B 134 2.35 -8.28 -15.47
N LEU B 135 1.25 -7.58 -15.18
CA LEU B 135 -0.07 -8.09 -15.51
C LEU B 135 -0.34 -8.14 -17.01
N ASP B 136 0.54 -7.55 -17.83
CA ASP B 136 0.41 -7.64 -19.28
C ASP B 136 0.71 -9.03 -19.82
N ASN B 137 1.22 -9.93 -18.97
CA ASN B 137 1.50 -11.32 -19.32
C ASN B 137 2.65 -11.43 -20.32
N ILE B 138 3.52 -10.42 -20.35
CA ILE B 138 4.53 -10.32 -21.40
C ILE B 138 5.86 -9.89 -20.78
N CYS B 139 6.93 -10.56 -21.20
CA CYS B 139 8.29 -10.17 -20.83
C CYS B 139 8.88 -9.37 -21.99
N SER B 140 9.22 -8.12 -21.71
CA SER B 140 9.77 -7.22 -22.72
C SER B 140 11.21 -6.88 -22.39
N ILE B 141 12.10 -7.08 -23.35
CA ILE B 141 13.53 -6.81 -23.18
C ILE B 141 13.83 -5.46 -23.83
N TYR B 142 14.54 -4.61 -23.10
CA TYR B 142 14.89 -3.27 -23.56
C TYR B 142 16.38 -3.19 -23.82
N ASN B 143 16.76 -2.70 -24.99
CA ASN B 143 18.16 -2.56 -25.38
C ASN B 143 18.64 -1.19 -24.94
N LEU B 144 19.51 -1.16 -23.94
CA LEU B 144 19.99 0.11 -23.41
C LEU B 144 21.04 0.75 -24.32
N LYS B 145 21.85 -0.06 -24.98
CA LYS B 145 22.90 0.49 -25.84
C LYS B 145 22.30 1.28 -26.99
N THR B 146 21.37 0.67 -27.72
CA THR B 146 20.55 1.30 -28.77
C THR B 146 21.35 2.34 -29.57
N ARG B 147 22.43 1.86 -30.19
CA ARG B 147 23.30 2.74 -30.95
C ARG B 147 22.52 3.48 -32.04
N GLU B 148 22.74 4.79 -32.12
CA GLU B 148 22.02 5.67 -33.04
C GLU B 148 20.51 5.58 -32.80
N GLY B 149 20.11 5.89 -31.57
CA GLY B 149 18.71 5.90 -31.20
C GLY B 149 18.54 5.91 -29.71
N ASN B 150 17.28 5.85 -29.30
CA ASN B 150 16.90 5.80 -27.90
C ASN B 150 16.50 4.38 -27.50
N VAL B 151 16.29 4.19 -26.20
CA VAL B 151 15.95 2.88 -25.68
C VAL B 151 14.58 2.47 -26.19
N ARG B 152 14.48 1.24 -26.68
CA ARG B 152 13.25 0.75 -27.29
C ARG B 152 13.12 -0.74 -27.01
N VAL B 153 11.91 -1.25 -27.24
CA VAL B 153 11.65 -2.66 -27.01
C VAL B 153 12.41 -3.48 -28.03
N SER B 154 13.22 -4.43 -27.55
CA SER B 154 13.95 -5.32 -28.43
C SER B 154 13.13 -6.55 -28.81
N ARG B 155 12.59 -7.25 -27.80
CA ARG B 155 11.74 -8.40 -28.04
C ARG B 155 10.57 -8.34 -27.10
N GLU B 156 9.47 -8.98 -27.50
CA GLU B 156 8.23 -8.99 -26.73
C GLU B 156 7.84 -10.46 -26.55
N LEU B 157 8.35 -11.07 -25.48
CA LEU B 157 8.12 -12.49 -25.22
C LEU B 157 6.74 -12.68 -24.64
N ALA B 158 5.91 -13.46 -25.33
CA ALA B 158 4.50 -13.64 -24.94
C ALA B 158 4.13 -15.11 -25.12
N GLY B 159 4.20 -15.87 -24.04
CA GLY B 159 3.75 -17.25 -24.06
C GLY B 159 3.11 -17.67 -22.76
N HIS B 160 3.00 -16.74 -21.81
CA HIS B 160 2.50 -17.05 -20.48
C HIS B 160 1.03 -16.68 -20.37
N THR B 161 0.23 -17.60 -19.82
CA THR B 161 -1.18 -17.34 -19.57
C THR B 161 -1.40 -16.48 -18.33
N GLY B 162 -0.43 -16.44 -17.40
CA GLY B 162 -0.57 -15.68 -16.18
C GLY B 162 0.53 -14.62 -16.07
N TYR B 163 0.34 -13.74 -15.08
CA TYR B 163 1.22 -12.59 -14.90
C TYR B 163 2.63 -13.04 -14.54
N LEU B 164 3.61 -12.21 -14.90
CA LEU B 164 5.00 -12.47 -14.57
C LEU B 164 5.34 -11.92 -13.19
N SER B 165 5.87 -12.78 -12.34
CA SER B 165 6.29 -12.39 -11.00
C SER B 165 7.77 -12.10 -10.90
N CYS B 166 8.61 -12.86 -11.60
CA CYS B 166 10.05 -12.66 -11.55
C CYS B 166 10.67 -13.12 -12.85
N CYS B 167 11.67 -12.38 -13.32
CA CYS B 167 12.46 -12.73 -14.48
C CYS B 167 13.93 -12.51 -14.17
N ARG B 168 14.77 -13.45 -14.61
CA ARG B 168 16.21 -13.37 -14.37
C ARG B 168 16.95 -13.72 -15.64
N PHE B 169 18.13 -13.13 -15.81
CA PHE B 169 18.96 -13.36 -16.98
C PHE B 169 20.02 -14.41 -16.64
N LEU B 170 20.03 -15.50 -17.41
CA LEU B 170 21.16 -16.44 -17.31
C LEU B 170 22.36 -15.90 -18.06
N ASP B 171 22.18 -15.65 -19.36
CA ASP B 171 23.21 -15.04 -20.19
C ASP B 171 22.56 -13.85 -20.89
N ASP B 172 23.29 -13.21 -21.81
CA ASP B 172 22.79 -12.06 -22.54
C ASP B 172 21.76 -12.47 -23.59
N ASN B 173 21.64 -13.76 -23.89
CA ASN B 173 20.81 -14.24 -24.98
C ASN B 173 19.53 -14.93 -24.51
N GLN B 174 19.57 -15.58 -23.36
CA GLN B 174 18.44 -16.36 -22.87
C GLN B 174 18.03 -15.92 -21.47
N ILE B 175 16.73 -16.00 -21.19
CA ILE B 175 16.12 -15.46 -19.98
C ILE B 175 15.20 -16.51 -19.37
N VAL B 176 15.05 -16.46 -18.05
CA VAL B 176 14.15 -17.35 -17.31
C VAL B 176 13.12 -16.50 -16.59
N THR B 177 11.84 -16.86 -16.73
CA THR B 177 10.74 -16.08 -16.20
C THR B 177 9.78 -16.97 -15.42
N SER B 178 9.08 -16.38 -14.45
CA SER B 178 8.01 -17.04 -13.70
C SER B 178 6.67 -16.48 -14.11
N SER B 179 5.63 -17.29 -13.98
CA SER B 179 4.29 -16.90 -14.36
C SER B 179 3.30 -17.21 -13.25
N GLY B 180 2.18 -16.50 -13.29
CA GLY B 180 1.06 -16.80 -12.44
C GLY B 180 0.18 -17.92 -12.93
N ASP B 181 0.55 -18.53 -14.06
CA ASP B 181 -0.14 -19.71 -14.56
C ASP B 181 0.56 -21.00 -14.14
N THR B 182 1.32 -20.97 -13.05
CA THR B 182 1.94 -22.15 -12.46
C THR B 182 2.93 -22.79 -13.44
N THR B 183 3.88 -21.99 -13.92
CA THR B 183 4.87 -22.44 -14.89
C THR B 183 6.02 -21.47 -15.01
N CYS B 184 7.24 -21.97 -14.94
CA CYS B 184 8.43 -21.20 -15.26
C CYS B 184 8.87 -21.51 -16.68
N ALA B 185 9.49 -20.51 -17.33
CA ALA B 185 9.86 -20.62 -18.73
C ALA B 185 11.31 -20.21 -18.93
N LEU B 186 11.95 -20.83 -19.92
CA LEU B 186 13.29 -20.48 -20.35
C LEU B 186 13.21 -20.04 -21.80
N TRP B 187 13.41 -18.75 -22.06
CA TRP B 187 13.20 -18.17 -23.37
C TRP B 187 14.52 -18.04 -24.13
N ASP B 188 14.40 -17.81 -25.43
CA ASP B 188 15.51 -17.48 -26.31
C ASP B 188 15.17 -16.13 -26.93
N ILE B 189 15.79 -15.07 -26.43
CA ILE B 189 15.40 -13.71 -26.82
C ILE B 189 15.62 -13.49 -28.31
N GLU B 190 16.67 -14.08 -28.87
CA GLU B 190 16.98 -13.87 -30.28
C GLU B 190 15.83 -14.32 -31.18
N THR B 191 15.24 -15.46 -30.87
CA THR B 191 14.10 -15.96 -31.63
C THR B 191 12.76 -15.71 -30.95
N GLY B 192 12.76 -15.32 -29.68
CA GLY B 192 11.52 -15.04 -28.97
C GLY B 192 10.62 -16.25 -28.83
N GLN B 193 11.19 -17.40 -28.49
CA GLN B 193 10.44 -18.64 -28.38
C GLN B 193 10.82 -19.37 -27.09
N GLN B 194 9.91 -20.20 -26.62
CA GLN B 194 10.13 -20.99 -25.41
C GLN B 194 11.04 -22.16 -25.73
N THR B 195 12.16 -22.26 -25.01
CA THR B 195 13.03 -23.42 -25.17
C THR B 195 12.53 -24.59 -24.33
N THR B 196 12.38 -24.37 -23.01
CA THR B 196 11.86 -25.37 -22.10
C THR B 196 10.79 -24.75 -21.23
N THR B 197 9.84 -25.58 -20.80
CA THR B 197 8.81 -25.18 -19.86
C THR B 197 8.99 -25.96 -18.56
N PHE B 198 8.94 -25.26 -17.44
CA PHE B 198 9.18 -25.84 -16.13
C PHE B 198 7.83 -26.01 -15.43
N THR B 199 7.18 -27.14 -15.68
CA THR B 199 5.91 -27.47 -15.06
C THR B 199 6.14 -28.44 -13.91
N GLY B 200 5.24 -28.39 -12.93
CA GLY B 200 5.37 -29.25 -11.77
C GLY B 200 4.89 -28.59 -10.49
N HIS B 201 4.71 -27.28 -10.52
CA HIS B 201 4.16 -26.56 -9.38
C HIS B 201 2.65 -26.76 -9.34
N THR B 202 2.03 -26.28 -8.26
CA THR B 202 0.58 -26.28 -8.14
C THR B 202 -0.01 -24.89 -7.88
N GLY B 203 0.80 -23.93 -7.47
CA GLY B 203 0.32 -22.57 -7.25
C GLY B 203 1.11 -21.54 -8.03
N ASP B 204 0.85 -20.27 -7.76
CA ASP B 204 1.50 -19.20 -8.49
C ASP B 204 2.98 -19.13 -8.12
N VAL B 205 3.85 -19.13 -9.13
CA VAL B 205 5.27 -18.99 -8.89
C VAL B 205 5.58 -17.52 -8.65
N MET B 206 6.29 -17.22 -7.57
CA MET B 206 6.45 -15.86 -7.10
C MET B 206 7.88 -15.35 -7.09
N SER B 207 8.88 -16.22 -7.18
CA SER B 207 10.27 -15.76 -7.08
C SER B 207 11.21 -16.82 -7.65
N LEU B 208 12.31 -16.34 -8.22
CA LEU B 208 13.36 -17.19 -8.75
C LEU B 208 14.70 -16.76 -8.18
N SER B 209 15.64 -17.70 -8.12
CA SER B 209 17.01 -17.40 -7.74
C SER B 209 17.93 -18.31 -8.53
N LEU B 210 18.85 -17.72 -9.28
CA LEU B 210 19.80 -18.48 -10.08
C LEU B 210 21.03 -18.79 -9.25
N ALA B 211 21.58 -19.99 -9.44
CA ALA B 211 22.78 -20.38 -8.75
C ALA B 211 23.97 -19.57 -9.27
N PRO B 212 25.04 -19.44 -8.49
CA PRO B 212 26.23 -18.74 -8.99
C PRO B 212 26.76 -19.31 -10.29
N ASP B 213 26.71 -20.63 -10.44
CA ASP B 213 26.85 -21.26 -11.75
C ASP B 213 25.46 -21.42 -12.35
N THR B 214 25.27 -20.89 -13.55
CA THR B 214 23.94 -20.79 -14.13
C THR B 214 23.45 -22.14 -14.67
N ARG B 215 23.50 -23.16 -13.83
CA ARG B 215 23.02 -24.49 -14.19
C ARG B 215 21.79 -24.92 -13.42
N LEU B 216 21.55 -24.36 -12.24
CA LEU B 216 20.40 -24.68 -11.41
C LEU B 216 19.72 -23.40 -10.95
N PHE B 217 18.41 -23.48 -10.74
CA PHE B 217 17.67 -22.37 -10.16
C PHE B 217 16.49 -22.90 -9.36
N VAL B 218 16.23 -22.24 -8.24
CA VAL B 218 15.10 -22.58 -7.37
C VAL B 218 13.96 -21.64 -7.66
N SER B 219 12.75 -22.08 -7.32
CA SER B 219 11.54 -21.30 -7.60
C SER B 219 10.57 -21.48 -6.43
N GLY B 220 10.30 -20.40 -5.72
CA GLY B 220 9.24 -20.41 -4.75
C GLY B 220 7.88 -20.27 -5.40
N ALA B 221 6.83 -20.58 -4.64
CA ALA B 221 5.49 -20.57 -5.18
C ALA B 221 4.50 -20.30 -4.05
N CYS B 222 3.22 -20.36 -4.39
CA CYS B 222 2.13 -20.15 -3.43
C CYS B 222 1.64 -21.44 -2.81
N ASP B 223 2.28 -22.57 -3.11
CA ASP B 223 1.94 -23.86 -2.52
C ASP B 223 2.87 -24.23 -1.37
N ALA B 224 3.57 -23.25 -0.80
CA ALA B 224 4.49 -23.46 0.32
C ALA B 224 5.56 -24.48 -0.03
N SER B 225 6.03 -24.45 -1.28
CA SER B 225 7.04 -25.39 -1.75
C SER B 225 8.03 -24.65 -2.65
N ALA B 226 9.30 -25.03 -2.50
CA ALA B 226 10.36 -24.53 -3.37
C ALA B 226 10.96 -25.71 -4.12
N LYS B 227 11.09 -25.58 -5.44
CA LYS B 227 11.57 -26.66 -6.28
C LYS B 227 12.93 -26.30 -6.87
N LEU B 228 13.77 -27.32 -7.02
CA LEU B 228 15.10 -27.16 -7.63
C LEU B 228 15.02 -27.64 -9.07
N TRP B 229 15.26 -26.74 -10.01
CA TRP B 229 15.14 -27.03 -11.44
C TRP B 229 16.52 -27.09 -12.08
N ASP B 230 16.66 -27.95 -13.07
CA ASP B 230 17.87 -28.01 -13.89
C ASP B 230 17.56 -27.34 -15.22
N VAL B 231 18.35 -26.31 -15.57
CA VAL B 231 18.05 -25.50 -16.74
C VAL B 231 18.21 -26.33 -18.01
N ARG B 232 19.32 -27.06 -18.14
CA ARG B 232 19.58 -27.81 -19.36
C ARG B 232 18.59 -28.96 -19.52
N GLU B 233 18.39 -29.73 -18.46
CA GLU B 233 17.53 -30.91 -18.56
C GLU B 233 16.05 -30.56 -18.55
N GLY B 234 15.69 -29.40 -18.02
CA GLY B 234 14.28 -29.03 -17.95
C GLY B 234 13.44 -29.91 -17.05
N MET B 235 13.94 -30.20 -15.85
CA MET B 235 13.35 -31.19 -14.96
C MET B 235 13.74 -30.91 -13.53
N CYS B 236 12.86 -31.28 -12.60
CA CYS B 236 13.09 -31.05 -11.19
C CYS B 236 14.19 -31.97 -10.66
N ARG B 237 14.80 -31.55 -9.58
CA ARG B 237 15.77 -32.36 -8.86
C ARG B 237 15.36 -32.60 -7.42
N GLN B 238 14.87 -31.57 -6.74
CA GLN B 238 14.42 -31.68 -5.36
C GLN B 238 13.24 -30.77 -5.15
N THR B 239 12.37 -31.15 -4.20
CA THR B 239 11.24 -30.33 -3.79
C THR B 239 11.36 -30.10 -2.29
N PHE B 240 11.43 -28.84 -1.88
CA PHE B 240 11.60 -28.47 -0.49
C PHE B 240 10.28 -27.96 0.07
N THR B 241 9.75 -28.65 1.08
CA THR B 241 8.48 -28.29 1.70
C THR B 241 8.70 -28.20 3.20
N GLY B 242 8.81 -26.98 3.71
CA GLY B 242 8.92 -26.75 5.13
C GLY B 242 8.16 -25.52 5.58
N HIS B 243 7.48 -24.88 4.64
CA HIS B 243 6.77 -23.64 4.90
C HIS B 243 5.28 -23.90 5.07
N GLU B 244 4.62 -23.00 5.80
CA GLU B 244 3.19 -23.11 6.03
C GLU B 244 2.38 -22.33 5.01
N SER B 245 2.91 -21.21 4.54
CA SER B 245 2.16 -20.34 3.63
C SER B 245 2.94 -20.04 2.37
N ASP B 246 2.44 -19.09 1.57
CA ASP B 246 3.03 -18.78 0.28
C ASP B 246 4.46 -18.32 0.42
N ILE B 247 5.32 -18.77 -0.49
CA ILE B 247 6.71 -18.34 -0.56
C ILE B 247 6.76 -17.11 -1.46
N ASN B 248 7.23 -15.99 -0.91
CA ASN B 248 7.31 -14.74 -1.65
C ASN B 248 8.69 -14.43 -2.18
N ALA B 249 9.74 -14.78 -1.42
CA ALA B 249 11.10 -14.46 -1.81
C ALA B 249 11.97 -15.72 -1.72
N ILE B 250 13.02 -15.72 -2.52
CA ILE B 250 13.94 -16.86 -2.58
C ILE B 250 15.32 -16.30 -2.92
N CYS B 251 16.36 -16.95 -2.39
CA CYS B 251 17.71 -16.47 -2.62
C CYS B 251 18.77 -17.53 -2.33
N PHE B 252 19.63 -17.81 -3.30
CA PHE B 252 20.69 -18.78 -3.12
C PHE B 252 21.76 -18.28 -2.17
N PHE B 253 22.42 -19.23 -1.51
CA PHE B 253 23.62 -18.94 -0.76
C PHE B 253 24.74 -18.60 -1.74
N PRO B 254 25.73 -17.81 -1.31
CA PRO B 254 26.84 -17.49 -2.23
C PRO B 254 27.58 -18.70 -2.77
N ASN B 255 27.69 -19.78 -2.00
CA ASN B 255 28.40 -20.95 -2.50
C ASN B 255 27.52 -21.89 -3.33
N GLY B 256 26.23 -21.63 -3.40
CA GLY B 256 25.33 -22.43 -4.20
C GLY B 256 24.88 -23.74 -3.58
N ASN B 257 25.23 -24.00 -2.33
CA ASN B 257 24.87 -25.24 -1.65
C ASN B 257 23.69 -25.07 -0.70
N ALA B 258 23.08 -23.90 -0.66
CA ALA B 258 21.96 -23.64 0.23
C ALA B 258 21.17 -22.45 -0.31
N PHE B 259 19.99 -22.23 0.26
CA PHE B 259 19.19 -21.09 -0.14
C PHE B 259 18.16 -20.78 0.94
N ALA B 260 17.93 -19.50 1.17
CA ALA B 260 16.93 -19.04 2.12
C ALA B 260 15.60 -18.82 1.41
N THR B 261 14.52 -18.90 2.19
CA THR B 261 13.17 -18.91 1.63
C THR B 261 12.25 -18.13 2.55
N GLY B 262 11.74 -16.99 2.09
CA GLY B 262 10.81 -16.19 2.85
C GLY B 262 9.38 -16.51 2.49
N SER B 263 8.48 -16.34 3.46
CA SER B 263 7.09 -16.72 3.29
C SER B 263 6.18 -15.69 3.94
N ASP B 264 4.88 -15.97 3.95
CA ASP B 264 3.88 -15.10 4.55
C ASP B 264 3.52 -15.51 5.96
N ASP B 265 4.20 -16.51 6.53
CA ASP B 265 3.97 -16.94 7.91
C ASP B 265 5.02 -16.40 8.86
N ALA B 266 5.62 -15.24 8.53
CA ALA B 266 6.60 -14.56 9.37
C ALA B 266 7.84 -15.42 9.64
N THR B 267 8.17 -16.31 8.70
CA THR B 267 9.34 -17.15 8.83
C THR B 267 10.13 -17.13 7.52
N CYS B 268 11.45 -17.13 7.63
CA CYS B 268 12.34 -17.20 6.47
C CYS B 268 13.37 -18.29 6.75
N ARG B 269 13.10 -19.50 6.27
CA ARG B 269 13.92 -20.65 6.59
C ARG B 269 15.12 -20.76 5.65
N LEU B 270 16.00 -21.71 5.97
CA LEU B 270 17.20 -21.99 5.18
C LEU B 270 17.23 -23.47 4.84
N PHE B 271 17.29 -23.78 3.55
CA PHE B 271 17.32 -25.15 3.06
C PHE B 271 18.69 -25.49 2.51
N ASP B 272 18.97 -26.78 2.41
CA ASP B 272 20.17 -27.28 1.76
C ASP B 272 19.82 -28.18 0.59
N LEU B 273 20.70 -28.19 -0.40
CA LEU B 273 20.55 -29.04 -1.57
C LEU B 273 21.09 -30.43 -1.33
N ARG B 274 22.25 -30.54 -0.67
CA ARG B 274 22.82 -31.85 -0.41
C ARG B 274 22.07 -32.57 0.71
N ALA B 275 21.70 -31.85 1.77
CA ALA B 275 20.91 -32.44 2.83
C ALA B 275 19.46 -32.65 2.44
N ASP B 276 18.95 -31.82 1.52
CA ASP B 276 17.58 -31.94 1.00
C ASP B 276 16.57 -31.83 2.14
N GLN B 277 16.71 -30.77 2.93
CA GLN B 277 15.82 -30.50 4.06
C GLN B 277 16.20 -29.16 4.66
N GLU B 278 15.33 -28.65 5.52
CA GLU B 278 15.59 -27.38 6.18
C GLU B 278 16.64 -27.55 7.26
N LEU B 279 17.31 -26.44 7.58
CA LEU B 279 18.28 -26.41 8.66
C LEU B 279 17.88 -25.48 9.80
N MET B 280 17.56 -24.22 9.49
CA MET B 280 17.38 -23.22 10.52
C MET B 280 16.23 -22.31 10.13
N THR B 281 15.34 -22.03 11.09
CA THR B 281 14.20 -21.15 10.89
C THR B 281 14.47 -19.82 11.58
N TYR B 282 14.29 -18.73 10.84
CA TYR B 282 14.58 -17.38 11.31
C TYR B 282 13.25 -16.68 11.53
N SER B 283 12.75 -16.75 12.77
CA SER B 283 11.46 -16.16 13.10
C SER B 283 11.48 -15.65 14.52
N HIS B 284 10.60 -14.70 14.80
CA HIS B 284 10.46 -14.12 16.12
C HIS B 284 8.98 -14.00 16.48
N ASP B 285 8.69 -14.04 17.78
CA ASP B 285 7.30 -13.95 18.23
C ASP B 285 6.71 -12.57 18.00
N ASN B 286 7.56 -11.54 17.97
CA ASN B 286 7.09 -10.17 17.77
C ASN B 286 6.81 -9.83 16.32
N ILE B 287 7.13 -10.72 15.38
CA ILE B 287 6.92 -10.50 13.96
C ILE B 287 5.71 -11.31 13.55
N ILE B 288 4.64 -10.63 13.17
CA ILE B 288 3.43 -11.28 12.71
C ILE B 288 3.12 -10.91 11.25
N CYS B 289 4.06 -10.29 10.55
CA CYS B 289 3.91 -9.83 9.20
C CYS B 289 4.51 -10.85 8.23
N GLY B 290 4.59 -10.50 6.95
CA GLY B 290 5.08 -11.40 5.94
C GLY B 290 6.35 -10.89 5.29
N ILE B 291 7.20 -11.83 4.89
CA ILE B 291 8.45 -11.51 4.22
C ILE B 291 8.18 -11.26 2.74
N THR B 292 8.71 -10.17 2.23
CA THR B 292 8.58 -9.83 0.81
C THR B 292 9.90 -9.87 0.06
N SER B 293 11.02 -9.98 0.75
CA SER B 293 12.32 -9.96 0.10
C SER B 293 13.34 -10.65 0.99
N VAL B 294 14.17 -11.50 0.40
CA VAL B 294 15.24 -12.20 1.09
C VAL B 294 16.52 -12.02 0.29
N SER B 295 17.60 -11.69 0.98
CA SER B 295 18.89 -11.55 0.34
C SER B 295 19.99 -11.96 1.31
N PHE B 296 21.16 -12.24 0.75
CA PHE B 296 22.33 -12.68 1.51
C PHE B 296 23.46 -11.69 1.34
N SER B 297 24.32 -11.61 2.35
CA SER B 297 25.53 -10.82 2.24
C SER B 297 26.54 -11.56 1.35
N LYS B 298 27.68 -10.91 1.10
CA LYS B 298 28.69 -11.51 0.25
C LYS B 298 29.26 -12.78 0.87
N SER B 299 29.52 -12.77 2.17
CA SER B 299 30.05 -13.93 2.87
C SER B 299 28.98 -14.90 3.31
N GLY B 300 27.70 -14.53 3.22
CA GLY B 300 26.62 -15.40 3.61
C GLY B 300 26.32 -15.45 5.10
N ARG B 301 27.04 -14.68 5.91
CA ARG B 301 26.78 -14.67 7.34
C ARG B 301 25.52 -13.89 7.69
N LEU B 302 25.21 -12.82 6.97
CA LEU B 302 24.07 -11.98 7.25
C LEU B 302 22.96 -12.28 6.25
N LEU B 303 21.74 -12.42 6.76
CA LEU B 303 20.56 -12.72 5.94
C LEU B 303 19.57 -11.56 6.11
N LEU B 304 19.59 -10.65 5.14
CA LEU B 304 18.66 -9.52 5.15
C LEU B 304 17.28 -9.96 4.68
N ALA B 305 16.26 -9.46 5.36
CA ALA B 305 14.90 -9.90 5.08
C ALA B 305 13.95 -8.72 5.18
N GLY B 306 13.06 -8.60 4.19
CA GLY B 306 12.04 -7.59 4.22
C GLY B 306 10.82 -8.03 5.01
N TYR B 307 9.94 -7.08 5.28
CA TYR B 307 8.77 -7.36 6.10
C TYR B 307 7.66 -6.37 5.75
N ASP B 308 6.43 -6.76 6.11
CA ASP B 308 5.27 -5.91 5.91
C ASP B 308 5.09 -4.86 7.00
N ASP B 309 5.89 -4.92 8.06
CA ASP B 309 5.84 -3.92 9.12
C ASP B 309 6.73 -2.72 8.84
N PHE B 310 7.00 -2.45 7.57
CA PHE B 310 7.74 -1.28 7.13
C PHE B 310 9.19 -1.30 7.61
N ASN B 311 9.74 -2.48 7.85
CA ASN B 311 11.08 -2.62 8.39
C ASN B 311 11.86 -3.63 7.56
N CYS B 312 13.09 -3.88 7.99
CA CYS B 312 13.98 -4.84 7.35
C CYS B 312 14.97 -5.33 8.39
N ASN B 313 14.92 -6.62 8.71
CA ASN B 313 15.73 -7.18 9.77
C ASN B 313 16.98 -7.82 9.20
N VAL B 314 18.06 -7.75 9.96
CA VAL B 314 19.36 -8.28 9.56
C VAL B 314 19.62 -9.50 10.43
N TRP B 315 19.24 -10.66 9.94
CA TRP B 315 19.43 -11.90 10.67
C TRP B 315 20.87 -12.39 10.53
N ASP B 316 21.26 -13.28 11.44
CA ASP B 316 22.53 -13.97 11.36
C ASP B 316 22.28 -15.37 10.86
N ALA B 317 22.89 -15.72 9.73
CA ALA B 317 22.55 -16.97 9.06
C ALA B 317 23.00 -18.19 9.85
N LEU B 318 24.05 -18.06 10.66
CA LEU B 318 24.58 -19.19 11.41
C LEU B 318 23.86 -19.36 12.75
N LYS B 319 23.63 -18.27 13.46
CA LYS B 319 22.85 -18.29 14.69
C LYS B 319 21.60 -17.46 14.46
N ALA B 320 20.43 -18.09 14.57
CA ALA B 320 19.17 -17.44 14.22
C ALA B 320 18.81 -16.40 15.29
N ASP B 321 19.52 -15.28 15.26
CA ASP B 321 19.23 -14.17 16.15
C ASP B 321 19.24 -12.86 15.36
N ARG B 322 18.43 -11.92 15.81
CA ARG B 322 18.33 -10.62 15.15
C ARG B 322 19.52 -9.75 15.54
N ALA B 323 20.28 -9.30 14.55
CA ALA B 323 21.48 -8.52 14.78
C ALA B 323 21.40 -7.19 14.04
N GLY B 324 20.22 -6.58 14.02
CA GLY B 324 20.07 -5.30 13.36
C GLY B 324 18.71 -5.10 12.73
N VAL B 325 18.20 -3.87 12.79
CA VAL B 325 16.93 -3.51 12.18
C VAL B 325 17.15 -2.29 11.30
N LEU B 326 16.69 -2.37 10.05
CA LEU B 326 16.72 -1.25 9.13
C LEU B 326 15.32 -0.64 9.08
N ALA B 327 15.21 0.63 9.44
CA ALA B 327 13.93 1.31 9.50
C ALA B 327 14.00 2.63 8.74
N GLY B 328 12.84 3.11 8.30
CA GLY B 328 12.78 4.35 7.56
C GLY B 328 11.88 4.31 6.35
N HIS B 329 11.07 3.26 6.22
CA HIS B 329 10.13 3.12 5.12
C HIS B 329 8.72 3.33 5.63
N ASP B 330 7.94 4.16 4.92
CA ASP B 330 6.56 4.41 5.31
C ASP B 330 5.66 3.22 5.03
N ASN B 331 5.79 2.61 3.86
CA ASN B 331 5.00 1.44 3.50
C ASN B 331 5.90 0.21 3.41
N ARG B 332 5.33 -0.91 3.02
CA ARG B 332 6.03 -2.18 3.05
C ARG B 332 7.17 -2.19 2.04
N VAL B 333 8.27 -2.81 2.44
CA VAL B 333 9.36 -3.05 1.49
C VAL B 333 8.94 -4.19 0.56
N SER B 334 9.09 -3.97 -0.73
CA SER B 334 8.67 -4.95 -1.73
C SER B 334 9.83 -5.48 -2.54
N CYS B 335 11.06 -5.04 -2.25
CA CYS B 335 12.22 -5.47 -3.01
C CYS B 335 13.48 -5.15 -2.21
N LEU B 336 14.46 -6.03 -2.29
CA LEU B 336 15.72 -5.87 -1.58
C LEU B 336 16.83 -6.49 -2.41
N GLY B 337 17.99 -5.86 -2.41
CA GLY B 337 19.10 -6.35 -3.21
C GLY B 337 20.43 -6.00 -2.57
N VAL B 338 21.41 -6.87 -2.80
CA VAL B 338 22.76 -6.69 -2.28
C VAL B 338 23.70 -6.69 -3.48
N THR B 339 24.61 -5.71 -3.51
CA THR B 339 25.56 -5.61 -4.61
C THR B 339 26.46 -6.83 -4.67
N ASP B 340 26.85 -7.20 -5.89
CA ASP B 340 27.81 -8.28 -6.05
C ASP B 340 29.13 -7.95 -5.36
N ASP B 341 29.48 -6.66 -5.29
CA ASP B 341 30.64 -6.24 -4.51
C ASP B 341 30.38 -6.46 -3.03
N GLY B 342 29.11 -6.43 -2.62
CA GLY B 342 28.78 -6.59 -1.22
C GLY B 342 29.01 -5.35 -0.38
N MET B 343 28.94 -4.17 -0.99
CA MET B 343 29.24 -2.93 -0.30
C MET B 343 28.00 -2.21 0.22
N ALA B 344 26.87 -2.31 -0.47
CA ALA B 344 25.66 -1.64 -0.04
C ALA B 344 24.46 -2.53 -0.31
N VAL B 345 23.37 -2.25 0.40
CA VAL B 345 22.11 -2.96 0.25
C VAL B 345 21.04 -1.92 -0.07
N ALA B 346 20.21 -2.23 -1.06
CA ALA B 346 19.16 -1.33 -1.51
C ALA B 346 17.80 -1.90 -1.19
N THR B 347 16.92 -1.08 -0.63
CA THR B 347 15.58 -1.49 -0.27
C THR B 347 14.59 -0.54 -0.92
N GLY B 348 13.59 -1.09 -1.57
CA GLY B 348 12.53 -0.32 -2.19
C GLY B 348 11.19 -0.65 -1.53
N SER B 349 10.38 0.38 -1.35
CA SER B 349 9.12 0.22 -0.64
C SER B 349 7.99 0.75 -1.50
N TRP B 350 6.79 0.72 -0.94
CA TRP B 350 5.59 1.18 -1.64
C TRP B 350 5.36 2.68 -1.47
N ASP B 351 6.26 3.38 -0.79
CA ASP B 351 6.19 4.82 -0.64
C ASP B 351 6.92 5.56 -1.77
N SER B 352 7.17 4.89 -2.89
CA SER B 352 7.82 5.47 -4.06
C SER B 352 9.25 5.91 -3.76
N PHE B 353 9.86 5.33 -2.73
CA PHE B 353 11.23 5.66 -2.35
C PHE B 353 12.11 4.44 -2.48
N LEU B 354 13.42 4.68 -2.48
CA LEU B 354 14.40 3.62 -2.70
C LEU B 354 15.70 4.05 -2.02
N LYS B 355 15.98 3.50 -0.85
CA LYS B 355 17.13 3.87 -0.06
C LYS B 355 18.25 2.85 -0.19
N ILE B 356 19.47 3.32 0.03
CA ILE B 356 20.67 2.50 -0.05
C ILE B 356 21.35 2.53 1.31
N TRP B 357 21.56 1.35 1.89
CA TRP B 357 22.11 1.22 3.24
C TRP B 357 23.50 0.64 3.17
N ASN B 358 24.41 1.18 3.98
CA ASN B 358 25.78 0.71 4.00
C ASN B 358 26.46 1.16 5.29
N ASN C 5 -11.92 -38.51 -15.92
CA ASN C 5 -10.90 -38.16 -14.94
C ASN C 5 -9.51 -38.55 -15.44
N THR C 6 -9.34 -38.55 -16.76
CA THR C 6 -8.04 -38.88 -17.35
C THR C 6 -6.99 -37.85 -16.96
N ALA C 7 -7.38 -36.57 -16.91
CA ALA C 7 -6.44 -35.53 -16.51
C ALA C 7 -5.97 -35.73 -15.08
N SER C 8 -6.88 -36.12 -14.18
CA SER C 8 -6.53 -36.33 -12.78
C SER C 8 -5.54 -37.48 -12.64
N ILE C 9 -5.81 -38.60 -13.32
CA ILE C 9 -4.90 -39.74 -13.22
C ILE C 9 -3.57 -39.43 -13.89
N ALA C 10 -3.57 -38.64 -14.97
CA ALA C 10 -2.31 -38.24 -15.59
C ALA C 10 -1.49 -37.37 -14.65
N GLN C 11 -2.14 -36.42 -13.97
CA GLN C 11 -1.44 -35.58 -13.02
C GLN C 11 -0.89 -36.41 -11.86
N ALA C 12 -1.68 -37.37 -11.38
CA ALA C 12 -1.22 -38.24 -10.29
C ALA C 12 -0.04 -39.09 -10.74
N ARG C 13 -0.07 -39.58 -11.98
CA ARG C 13 1.04 -40.35 -12.51
C ARG C 13 2.30 -39.50 -12.61
N LYS C 14 2.16 -38.25 -13.07
CA LYS C 14 3.31 -37.35 -13.12
C LYS C 14 3.87 -37.08 -11.74
N LEU C 15 3.00 -36.86 -10.75
CA LEU C 15 3.46 -36.63 -9.38
C LEU C 15 4.17 -37.87 -8.83
N VAL C 16 3.65 -39.06 -9.14
CA VAL C 16 4.26 -40.30 -8.70
C VAL C 16 5.64 -40.47 -9.33
N GLU C 17 5.77 -40.19 -10.62
CA GLU C 17 7.07 -40.28 -11.27
C GLU C 17 8.06 -39.29 -10.65
N GLN C 18 7.59 -38.07 -10.36
CA GLN C 18 8.44 -37.08 -9.72
C GLN C 18 8.90 -37.55 -8.34
N LEU C 19 7.99 -38.12 -7.56
CA LEU C 19 8.37 -38.62 -6.24
C LEU C 19 9.34 -39.80 -6.35
N LYS C 20 9.12 -40.69 -7.32
CA LYS C 20 10.02 -41.81 -7.53
C LYS C 20 11.42 -41.32 -7.82
N MET C 21 11.52 -40.30 -8.68
CA MET C 21 12.83 -39.77 -9.05
C MET C 21 13.47 -38.98 -7.92
N GLU C 22 12.67 -38.27 -7.13
CA GLU C 22 13.21 -37.46 -6.04
C GLU C 22 13.64 -38.29 -4.85
N ALA C 23 12.98 -39.42 -4.60
CA ALA C 23 13.37 -40.27 -3.48
C ALA C 23 14.73 -40.91 -3.68
N ASN C 24 15.21 -40.99 -4.92
CA ASN C 24 16.51 -41.57 -5.23
C ASN C 24 17.51 -40.44 -5.45
N ILE C 25 18.03 -39.92 -4.34
CA ILE C 25 19.04 -38.86 -4.38
C ILE C 25 19.98 -39.05 -3.21
N ASP C 26 21.26 -38.72 -3.44
CA ASP C 26 22.28 -38.86 -2.41
C ASP C 26 22.16 -37.70 -1.41
N ARG C 27 22.21 -38.03 -0.13
CA ARG C 27 22.06 -37.04 0.94
C ARG C 27 23.23 -37.17 1.91
N ILE C 28 23.84 -36.03 2.23
CA ILE C 28 24.93 -35.99 3.20
C ILE C 28 24.36 -35.52 4.53
N LYS C 29 25.05 -35.89 5.61
CA LYS C 29 24.57 -35.55 6.94
C LYS C 29 24.59 -34.04 7.16
N VAL C 30 23.69 -33.57 8.02
CA VAL C 30 23.60 -32.15 8.33
C VAL C 30 24.87 -31.68 9.03
N SER C 31 25.50 -32.55 9.83
CA SER C 31 26.75 -32.18 10.49
C SER C 31 27.84 -31.84 9.50
N LYS C 32 27.72 -32.28 8.24
CA LYS C 32 28.66 -31.91 7.20
C LYS C 32 28.26 -30.66 6.44
N ALA C 33 26.97 -30.51 6.12
CA ALA C 33 26.50 -29.31 5.43
C ALA C 33 26.68 -28.07 6.29
N ALA C 34 26.36 -28.16 7.58
CA ALA C 34 26.57 -27.04 8.47
C ALA C 34 28.05 -26.71 8.60
N ALA C 35 28.90 -27.73 8.64
CA ALA C 35 30.34 -27.48 8.68
C ALA C 35 30.82 -26.78 7.42
N ASP C 36 30.30 -27.18 6.26
CA ASP C 36 30.66 -26.52 5.02
C ASP C 36 30.23 -25.06 5.02
N LEU C 37 29.01 -24.79 5.47
CA LEU C 37 28.54 -23.40 5.52
C LEU C 37 29.37 -22.57 6.49
N MET C 38 29.69 -23.13 7.66
CA MET C 38 30.52 -22.42 8.62
C MET C 38 31.90 -22.13 8.06
N ALA C 39 32.50 -23.12 7.39
CA ALA C 39 33.82 -22.92 6.80
C ALA C 39 33.79 -21.84 5.72
N TYR C 40 32.74 -21.84 4.89
CA TYR C 40 32.62 -20.81 3.87
C TYR C 40 32.49 -19.42 4.49
N CYS C 41 31.66 -19.30 5.52
CA CYS C 41 31.49 -18.01 6.18
C CYS C 41 32.79 -17.54 6.83
N GLU C 42 33.51 -18.44 7.49
CA GLU C 42 34.76 -18.06 8.13
C GLU C 42 35.83 -17.70 7.12
N ALA C 43 35.83 -18.36 5.95
CA ALA C 43 36.81 -18.04 4.93
C ALA C 43 36.51 -16.72 4.22
N HIS C 44 35.23 -16.39 4.05
CA HIS C 44 34.85 -15.18 3.33
C HIS C 44 34.50 -14.02 4.25
N ALA C 45 34.65 -14.17 5.56
CA ALA C 45 34.31 -13.08 6.47
C ALA C 45 35.16 -11.84 6.24
N LYS C 46 36.45 -12.04 5.97
CA LYS C 46 37.35 -10.90 5.80
C LYS C 46 37.02 -10.04 4.58
N GLU C 47 36.20 -10.53 3.66
CA GLU C 47 35.82 -9.78 2.47
C GLU C 47 34.34 -9.45 2.44
N ASP C 48 33.75 -9.19 3.61
CA ASP C 48 32.35 -8.80 3.71
C ASP C 48 32.25 -7.39 4.26
N PRO C 49 32.04 -6.38 3.40
CA PRO C 49 31.98 -5.00 3.91
C PRO C 49 30.87 -4.74 4.92
N LEU C 50 29.71 -5.38 4.77
CA LEU C 50 28.62 -5.14 5.71
C LEU C 50 28.96 -5.64 7.11
N LEU C 51 29.58 -6.81 7.21
CA LEU C 51 29.86 -7.41 8.52
C LEU C 51 30.97 -6.64 9.24
N THR C 52 32.16 -6.62 8.66
CA THR C 52 33.27 -5.92 9.28
C THR C 52 33.09 -4.41 9.16
N PRO C 53 33.65 -3.63 10.08
CA PRO C 53 33.57 -2.16 9.96
C PRO C 53 34.24 -1.65 8.70
N VAL C 54 33.46 -1.08 7.80
CA VAL C 54 34.00 -0.58 6.53
C VAL C 54 34.68 0.77 6.78
N PRO C 55 35.93 0.93 6.35
CA PRO C 55 36.58 2.24 6.48
C PRO C 55 35.94 3.26 5.57
N ALA C 56 35.98 4.52 6.00
CA ALA C 56 35.37 5.61 5.24
C ALA C 56 36.21 6.01 4.03
N SER C 57 37.49 5.65 3.99
CA SER C 57 38.34 6.05 2.88
C SER C 57 37.93 5.35 1.59
N GLU C 58 37.72 4.04 1.64
CA GLU C 58 37.35 3.27 0.47
C GLU C 58 35.85 3.05 0.35
N ASN C 59 35.06 3.62 1.24
CA ASN C 59 33.61 3.50 1.15
C ASN C 59 33.09 4.45 0.07
N PRO C 60 32.42 3.94 -0.97
CA PRO C 60 31.99 4.83 -2.06
C PRO C 60 30.70 5.60 -1.77
N PHE C 61 29.98 5.27 -0.71
CA PHE C 61 28.71 5.91 -0.41
C PHE C 61 28.80 6.93 0.71
N ARG C 62 30.01 7.30 1.12
CA ARG C 62 30.19 8.27 2.19
C ARG C 62 31.48 9.06 2.02
N VAL D 2 2.15 -29.01 4.82
CA VAL D 2 0.75 -28.67 5.07
C VAL D 2 -0.16 -29.77 4.56
N GLN D 3 -0.72 -30.55 5.47
CA GLN D 3 -1.58 -31.67 5.13
C GLN D 3 -2.93 -31.51 5.82
N LEU D 4 -4.00 -31.80 5.09
CA LEU D 4 -5.36 -31.71 5.62
C LEU D 4 -6.11 -32.97 5.19
N GLN D 5 -6.23 -33.93 6.11
CA GLN D 5 -6.87 -35.21 5.85
C GLN D 5 -8.27 -35.20 6.45
N GLU D 6 -9.28 -35.49 5.64
CA GLU D 6 -10.67 -35.45 6.05
C GLU D 6 -11.24 -36.86 6.13
N SER D 7 -12.27 -37.01 6.96
CA SER D 7 -12.93 -38.30 7.14
C SER D 7 -14.29 -38.06 7.75
N GLY D 8 -15.05 -39.15 7.89
CA GLY D 8 -16.37 -39.11 8.47
C GLY D 8 -17.51 -39.12 7.49
N GLY D 9 -17.23 -39.23 6.19
CA GLY D 9 -18.27 -39.22 5.18
C GLY D 9 -18.92 -40.57 5.00
N GLY D 10 -19.87 -40.61 4.07
CA GLY D 10 -20.55 -41.85 3.74
C GLY D 10 -21.97 -41.57 3.31
N LEU D 11 -22.67 -42.66 3.01
CA LEU D 11 -24.06 -42.58 2.59
C LEU D 11 -24.95 -42.43 3.81
N VAL D 12 -25.81 -41.41 3.78
CA VAL D 12 -26.69 -41.09 4.89
C VAL D 12 -28.12 -41.01 4.37
N GLN D 13 -29.05 -41.62 5.09
CA GLN D 13 -30.45 -41.50 4.75
C GLN D 13 -30.91 -40.06 4.96
N PRO D 14 -31.87 -39.59 4.16
CA PRO D 14 -32.34 -38.21 4.32
C PRO D 14 -32.91 -37.96 5.70
N GLY D 15 -32.66 -36.76 6.22
CA GLY D 15 -33.03 -36.44 7.58
C GLY D 15 -32.12 -37.02 8.62
N GLY D 16 -30.98 -37.60 8.23
CA GLY D 16 -30.06 -38.19 9.16
C GLY D 16 -29.04 -37.20 9.69
N SER D 17 -27.93 -37.74 10.18
CA SER D 17 -26.86 -36.94 10.75
C SER D 17 -25.51 -37.49 10.29
N LEU D 18 -24.53 -36.60 10.20
CA LEU D 18 -23.18 -36.98 9.82
C LEU D 18 -22.20 -35.97 10.38
N ARG D 19 -21.05 -36.43 10.82
CA ARG D 19 -20.02 -35.59 11.43
C ARG D 19 -18.71 -35.79 10.67
N LEU D 20 -18.28 -34.76 9.96
CA LEU D 20 -17.01 -34.78 9.26
C LEU D 20 -15.93 -34.16 10.13
N SER D 21 -14.73 -34.73 10.06
CA SER D 21 -13.59 -34.25 10.81
C SER D 21 -12.39 -34.11 9.88
N CYS D 22 -11.55 -33.12 10.15
CA CYS D 22 -10.34 -32.89 9.38
C CYS D 22 -9.14 -32.90 10.31
N ALA D 23 -8.12 -33.66 9.94
CA ALA D 23 -6.86 -33.70 10.68
C ALA D 23 -5.86 -32.78 10.00
N ALA D 24 -5.36 -31.80 10.75
CA ALA D 24 -4.45 -30.79 10.22
C ALA D 24 -3.06 -31.03 10.77
N SER D 25 -2.07 -31.07 9.87
CA SER D 25 -0.69 -31.27 10.25
C SER D 25 0.20 -30.38 9.39
N GLY D 26 1.13 -29.66 10.04
CA GLY D 26 2.11 -28.84 9.36
C GLY D 26 2.07 -27.38 9.77
N PHE D 27 0.92 -26.89 10.22
CA PHE D 27 0.77 -25.49 10.53
C PHE D 27 0.16 -25.31 11.91
N THR D 28 0.41 -24.13 12.50
CA THR D 28 -0.13 -23.77 13.80
C THR D 28 -1.63 -23.53 13.64
N PHE D 29 -2.43 -24.50 14.10
CA PHE D 29 -3.87 -24.47 13.84
C PHE D 29 -4.53 -23.27 14.49
N SER D 30 -3.93 -22.72 15.54
CA SER D 30 -4.56 -21.63 16.28
C SER D 30 -4.38 -20.27 15.64
N ASN D 31 -3.64 -20.18 14.54
CA ASN D 31 -3.35 -18.91 13.89
C ASN D 31 -4.08 -18.72 12.58
N TYR D 32 -4.75 -19.75 12.05
CA TYR D 32 -5.32 -19.70 10.72
C TYR D 32 -6.84 -19.88 10.80
N LYS D 33 -7.56 -18.96 10.17
CA LYS D 33 -8.99 -19.12 10.00
C LYS D 33 -9.27 -20.23 9.00
N MET D 34 -10.23 -21.09 9.31
CA MET D 34 -10.49 -22.26 8.49
C MET D 34 -11.86 -22.18 7.84
N ASN D 35 -12.10 -23.12 6.94
CA ASN D 35 -13.28 -23.08 6.08
C ASN D 35 -13.70 -24.50 5.73
N TRP D 36 -14.95 -24.64 5.32
CA TRP D 36 -15.49 -25.89 4.79
C TRP D 36 -16.16 -25.58 3.47
N VAL D 37 -15.69 -26.20 2.39
CA VAL D 37 -16.23 -25.98 1.07
C VAL D 37 -16.76 -27.31 0.52
N ARG D 38 -17.57 -27.21 -0.52
CA ARG D 38 -18.15 -28.40 -1.11
C ARG D 38 -18.32 -28.21 -2.61
N GLN D 39 -18.45 -29.32 -3.32
CA GLN D 39 -18.58 -29.31 -4.78
C GLN D 39 -19.62 -30.35 -5.18
N ALA D 40 -20.81 -29.89 -5.52
CA ALA D 40 -21.86 -30.79 -5.96
C ALA D 40 -21.50 -31.36 -7.33
N PRO D 41 -21.96 -32.57 -7.65
CA PRO D 41 -21.67 -33.14 -8.96
C PRO D 41 -22.20 -32.26 -10.08
N GLY D 42 -21.39 -32.08 -11.11
CA GLY D 42 -21.77 -31.26 -12.24
C GLY D 42 -21.98 -29.80 -11.90
N LYS D 43 -21.31 -29.30 -10.87
CA LYS D 43 -21.42 -27.91 -10.46
C LYS D 43 -20.04 -27.43 -10.02
N GLY D 44 -20.00 -26.24 -9.43
CA GLY D 44 -18.76 -25.66 -8.96
C GLY D 44 -18.62 -25.72 -7.46
N LEU D 45 -17.48 -25.21 -6.98
CA LEU D 45 -17.20 -25.22 -5.55
C LEU D 45 -18.03 -24.15 -4.85
N GLU D 46 -18.67 -24.53 -3.74
CA GLU D 46 -19.52 -23.64 -2.96
C GLU D 46 -19.00 -23.56 -1.54
N TRP D 47 -19.04 -22.37 -0.96
CA TRP D 47 -18.62 -22.18 0.43
C TRP D 47 -19.78 -22.54 1.37
N VAL D 48 -19.48 -23.37 2.36
CA VAL D 48 -20.49 -23.86 3.29
C VAL D 48 -20.43 -23.14 4.63
N SER D 49 -19.26 -23.12 5.26
CA SER D 49 -19.13 -22.50 6.58
C SER D 49 -17.72 -21.97 6.74
N ASP D 50 -17.46 -21.36 7.90
CA ASP D 50 -16.14 -20.87 8.25
C ASP D 50 -16.07 -20.73 9.76
N ILE D 51 -14.85 -20.52 10.26
CA ILE D 51 -14.61 -20.35 11.69
C ILE D 51 -13.34 -19.51 11.86
N SER D 52 -13.29 -18.77 12.94
CA SER D 52 -12.20 -17.83 13.17
C SER D 52 -11.05 -18.51 13.90
N GLN D 53 -10.05 -17.73 14.32
CA GLN D 53 -8.88 -18.29 14.98
C GLN D 53 -9.27 -18.95 16.31
N SER D 54 -10.09 -18.29 17.11
CA SER D 54 -10.49 -18.79 18.42
C SER D 54 -11.90 -19.35 18.43
N GLY D 55 -12.55 -19.45 17.27
CA GLY D 55 -13.91 -19.93 17.21
C GLY D 55 -14.96 -18.92 17.59
N ALA D 56 -14.61 -17.63 17.65
CA ALA D 56 -15.57 -16.61 18.04
C ALA D 56 -16.57 -16.31 16.92
N SER D 57 -16.10 -16.24 15.68
CA SER D 57 -16.92 -15.84 14.55
C SER D 57 -17.19 -17.05 13.66
N ILE D 58 -18.47 -17.31 13.38
CA ILE D 58 -18.89 -18.39 12.52
C ILE D 58 -19.94 -17.85 11.55
N SER D 59 -19.83 -18.25 10.29
CA SER D 59 -20.81 -17.91 9.28
C SER D 59 -21.19 -19.14 8.48
N TYR D 60 -22.38 -19.11 7.90
CA TYR D 60 -22.88 -20.20 7.07
C TYR D 60 -23.41 -19.63 5.75
N THR D 61 -23.88 -20.52 4.88
CA THR D 61 -24.30 -20.15 3.53
C THR D 61 -25.82 -20.18 3.35
N GLY D 62 -26.56 -19.87 4.41
CA GLY D 62 -28.01 -19.77 4.28
C GLY D 62 -28.71 -21.10 4.16
N SER D 63 -28.44 -21.83 3.08
CA SER D 63 -29.07 -23.14 2.89
C SER D 63 -28.69 -24.13 3.98
N VAL D 64 -27.59 -23.91 4.67
CA VAL D 64 -27.15 -24.79 5.75
C VAL D 64 -27.33 -24.15 7.12
N LYS D 65 -27.81 -22.91 7.18
CA LYS D 65 -27.95 -22.22 8.44
C LYS D 65 -28.96 -22.91 9.33
N GLY D 66 -28.57 -23.20 10.57
CA GLY D 66 -29.45 -23.83 11.53
C GLY D 66 -29.43 -25.34 11.52
N ARG D 67 -28.91 -25.96 10.46
CA ARG D 67 -28.79 -27.41 10.39
C ARG D 67 -27.36 -27.90 10.52
N PHE D 68 -26.38 -27.09 10.13
CA PHE D 68 -24.97 -27.44 10.23
C PHE D 68 -24.32 -26.56 11.28
N THR D 69 -23.39 -27.14 12.04
CA THR D 69 -22.60 -26.38 12.99
C THR D 69 -21.13 -26.75 12.83
N ILE D 70 -20.26 -25.79 13.11
CA ILE D 70 -18.83 -25.95 12.95
C ILE D 70 -18.16 -25.76 14.31
N SER D 71 -17.04 -26.43 14.51
CA SER D 71 -16.29 -26.34 15.75
C SER D 71 -14.86 -26.73 15.48
N ARG D 72 -13.94 -26.10 16.22
CA ARG D 72 -12.53 -26.37 16.08
C ARG D 72 -11.92 -26.64 17.45
N ASP D 73 -11.00 -27.60 17.50
CA ASP D 73 -10.24 -27.92 18.71
C ASP D 73 -8.79 -27.55 18.46
N ASN D 74 -8.35 -26.45 19.06
CA ASN D 74 -6.99 -25.97 18.83
C ASN D 74 -5.95 -26.94 19.38
N ALA D 75 -6.23 -27.52 20.55
CA ALA D 75 -5.26 -28.43 21.17
C ALA D 75 -5.02 -29.66 20.30
N LYS D 76 -6.07 -30.24 19.74
CA LYS D 76 -5.94 -31.46 18.96
C LYS D 76 -5.69 -31.20 17.47
N ASN D 77 -5.64 -29.94 17.05
CA ASN D 77 -5.38 -29.57 15.67
C ASN D 77 -6.36 -30.24 14.71
N THR D 78 -7.63 -30.26 15.11
CA THR D 78 -8.69 -30.87 14.31
C THR D 78 -9.87 -29.91 14.22
N LEU D 79 -10.65 -30.04 13.16
CA LEU D 79 -11.82 -29.21 12.96
C LEU D 79 -12.99 -30.08 12.52
N TYR D 80 -14.16 -29.82 13.09
CA TYR D 80 -15.35 -30.62 12.85
C TYR D 80 -16.43 -29.81 12.17
N LEU D 81 -17.27 -30.50 11.41
CA LEU D 81 -18.50 -29.94 10.88
C LEU D 81 -19.61 -30.95 11.11
N GLN D 82 -20.58 -30.59 11.92
CA GLN D 82 -21.69 -31.48 12.26
C GLN D 82 -22.88 -31.16 11.36
N MET D 83 -23.46 -32.20 10.77
CA MET D 83 -24.59 -32.06 9.86
C MET D 83 -25.82 -32.70 10.48
N ASN D 84 -26.91 -31.95 10.53
CA ASN D 84 -28.17 -32.42 11.10
C ASN D 84 -29.28 -32.23 10.08
N SER D 85 -30.17 -33.22 9.99
CA SER D 85 -31.32 -33.19 9.10
C SER D 85 -30.88 -32.96 7.65
N LEU D 86 -30.08 -33.90 7.16
CA LEU D 86 -29.55 -33.78 5.80
C LEU D 86 -30.66 -33.95 4.78
N LYS D 87 -30.46 -33.35 3.62
CA LYS D 87 -31.39 -33.41 2.51
C LYS D 87 -30.65 -33.90 1.28
N PRO D 88 -31.35 -34.48 0.31
CA PRO D 88 -30.67 -35.00 -0.88
C PRO D 88 -29.88 -33.93 -1.63
N GLU D 89 -30.32 -32.69 -1.52
CA GLU D 89 -29.61 -31.57 -2.14
C GLU D 89 -28.23 -31.36 -1.53
N ASP D 90 -28.00 -31.81 -0.32
CA ASP D 90 -26.71 -31.67 0.35
C ASP D 90 -25.80 -32.85 0.07
N THR D 91 -25.62 -33.20 -1.20
CA THR D 91 -24.67 -34.24 -1.61
C THR D 91 -23.56 -33.59 -2.40
N ALA D 92 -22.32 -33.82 -1.99
CA ALA D 92 -21.15 -33.21 -2.59
C ALA D 92 -19.91 -33.81 -1.95
N VAL D 93 -18.76 -33.50 -2.54
CA VAL D 93 -17.47 -33.79 -1.94
C VAL D 93 -17.08 -32.59 -1.08
N TYR D 94 -16.90 -32.83 0.22
CA TYR D 94 -16.66 -31.75 1.17
C TYR D 94 -15.16 -31.61 1.43
N TYR D 95 -14.62 -30.44 1.12
CA TYR D 95 -13.22 -30.14 1.33
C TYR D 95 -13.06 -29.20 2.52
N CYS D 96 -11.91 -29.28 3.16
CA CYS D 96 -11.59 -28.46 4.33
C CYS D 96 -10.46 -27.51 3.95
N ALA D 97 -10.83 -26.36 3.39
CA ALA D 97 -9.85 -25.39 2.95
C ALA D 97 -9.38 -24.53 4.11
N ARG D 98 -8.12 -24.12 4.06
CA ARG D 98 -7.55 -23.19 5.02
C ARG D 98 -7.28 -21.85 4.35
N CYS D 99 -7.55 -20.78 5.09
CA CYS D 99 -7.31 -19.45 4.56
C CYS D 99 -5.81 -19.25 4.33
N PRO D 100 -5.43 -18.52 3.28
CA PRO D 100 -4.03 -18.53 2.85
C PRO D 100 -3.01 -18.07 3.89
N ALA D 101 -3.33 -17.06 4.68
CA ALA D 101 -2.32 -16.48 5.53
C ALA D 101 -2.79 -16.39 6.98
N PRO D 102 -1.86 -16.45 7.95
CA PRO D 102 -2.26 -16.31 9.35
C PRO D 102 -2.64 -14.89 9.73
N PHE D 103 -3.51 -14.76 10.74
CA PHE D 103 -3.91 -13.46 11.29
C PHE D 103 -4.58 -12.58 10.25
N THR D 104 -5.32 -13.18 9.32
CA THR D 104 -6.00 -12.45 8.26
C THR D 104 -7.49 -12.73 8.30
N ARG D 105 -8.28 -11.71 8.05
CA ARG D 105 -9.73 -11.81 8.00
C ARG D 105 -10.27 -12.09 6.59
N ASP D 106 -9.40 -12.13 5.59
CA ASP D 106 -9.80 -12.38 4.21
C ASP D 106 -9.36 -13.77 3.77
N CYS D 107 -10.14 -14.38 2.88
CA CYS D 107 -9.91 -15.75 2.46
C CYS D 107 -10.30 -15.97 1.00
N PHE D 108 -9.31 -16.16 0.12
CA PHE D 108 -9.56 -16.47 -1.28
C PHE D 108 -9.35 -17.97 -1.52
N ASP D 109 -10.31 -18.78 -1.07
CA ASP D 109 -10.11 -20.22 -0.94
C ASP D 109 -11.26 -21.03 -1.54
N VAL D 110 -11.78 -20.59 -2.68
CA VAL D 110 -12.80 -21.38 -3.40
C VAL D 110 -12.34 -21.53 -4.84
N THR D 111 -11.03 -21.51 -5.06
CA THR D 111 -10.50 -21.48 -6.41
C THR D 111 -10.83 -22.77 -7.16
N SER D 112 -10.94 -22.65 -8.48
CA SER D 112 -11.46 -23.73 -9.32
C SER D 112 -10.41 -24.83 -9.42
N THR D 113 -10.42 -25.72 -8.43
CA THR D 113 -9.58 -26.90 -8.38
C THR D 113 -8.10 -26.53 -8.52
N THR D 114 -7.72 -25.42 -7.90
CA THR D 114 -6.35 -24.95 -7.94
C THR D 114 -5.79 -24.52 -6.59
N TYR D 115 -6.60 -24.53 -5.54
CA TYR D 115 -6.13 -24.08 -4.24
C TYR D 115 -5.18 -25.10 -3.64
N ALA D 116 -4.00 -24.64 -3.21
CA ALA D 116 -2.99 -25.55 -2.70
C ALA D 116 -3.29 -26.04 -1.28
N TYR D 117 -3.84 -25.17 -0.44
CA TYR D 117 -4.07 -25.51 0.97
C TYR D 117 -5.48 -26.02 1.19
N ARG D 118 -5.79 -27.12 0.52
CA ARG D 118 -7.10 -27.76 0.62
C ARG D 118 -6.91 -29.26 0.67
N GLY D 119 -7.85 -29.94 1.32
CA GLY D 119 -7.76 -31.38 1.44
C GLY D 119 -8.26 -32.10 0.20
N GLN D 120 -8.05 -33.42 0.19
CA GLN D 120 -8.52 -34.23 -0.92
C GLN D 120 -10.04 -34.32 -0.94
N GLY D 121 -10.68 -34.18 0.22
CA GLY D 121 -12.12 -34.16 0.30
C GLY D 121 -12.73 -35.52 0.59
N THR D 122 -13.96 -35.50 1.09
CA THR D 122 -14.71 -36.71 1.42
C THR D 122 -16.09 -36.62 0.80
N GLN D 123 -16.59 -37.76 0.34
CA GLN D 123 -17.88 -37.82 -0.33
C GLN D 123 -18.99 -38.03 0.69
N VAL D 124 -20.01 -37.18 0.63
CA VAL D 124 -21.19 -37.28 1.48
C VAL D 124 -22.40 -37.37 0.57
N THR D 125 -23.09 -38.51 0.60
CA THR D 125 -24.23 -38.76 -0.26
C THR D 125 -25.48 -38.97 0.58
N VAL D 126 -26.60 -38.43 0.11
CA VAL D 126 -27.88 -38.55 0.77
C VAL D 126 -28.85 -39.19 -0.20
N SER D 127 -29.45 -40.31 0.20
CA SER D 127 -30.39 -41.02 -0.66
C SER D 127 -31.35 -41.87 0.16
N THR E 1 0.56 50.56 23.85
CA THR E 1 0.21 50.10 22.51
C THR E 1 -0.14 48.61 22.54
N ASN E 2 -1.18 48.23 21.80
CA ASN E 2 -1.67 46.86 21.83
C ASN E 2 -1.78 46.26 20.43
N PHE E 3 -2.36 45.07 20.34
CA PHE E 3 -2.58 44.37 19.08
C PHE E 3 -3.71 44.97 18.25
N ALA E 4 -4.67 45.65 18.90
CA ALA E 4 -5.85 46.14 18.20
C ALA E 4 -5.57 47.31 17.28
N ILE E 5 -4.37 47.88 17.32
CA ILE E 5 -4.03 48.96 16.41
C ILE E 5 -3.91 48.47 14.97
N LEU E 6 -3.87 47.15 14.77
CA LEU E 6 -3.67 46.61 13.42
C LEU E 6 -4.83 46.93 12.51
N MET E 7 -6.07 46.80 13.01
CA MET E 7 -7.25 47.01 12.18
C MET E 7 -8.27 47.90 12.88
N GLN E 8 -7.81 49.05 13.38
CA GLN E 8 -8.73 50.08 13.86
C GLN E 8 -8.56 51.30 12.98
N VAL E 9 -9.65 51.73 12.35
CA VAL E 9 -9.63 52.90 11.49
C VAL E 9 -10.17 54.13 12.19
N VAL E 10 -11.09 53.94 13.14
CA VAL E 10 -11.64 55.05 13.90
C VAL E 10 -10.67 55.38 15.04
N PRO E 11 -10.46 56.65 15.36
CA PRO E 11 -9.56 57.02 16.47
C PRO E 11 -10.24 57.05 17.83
N LEU E 12 -10.46 55.86 18.39
CA LEU E 12 -11.07 55.73 19.72
C LEU E 12 -9.99 55.46 20.75
N GLU E 13 -10.13 56.09 21.91
CA GLU E 13 -9.22 55.87 23.03
C GLU E 13 -9.98 55.23 24.18
N LEU E 14 -9.35 54.24 24.81
CA LEU E 14 -9.96 53.50 25.90
C LEU E 14 -9.44 54.01 27.23
N ALA E 15 -10.31 53.95 28.24
CA ALA E 15 -9.93 54.40 29.57
C ALA E 15 -8.82 53.51 30.13
N ARG E 16 -8.03 54.09 31.03
CA ARG E 16 -6.95 53.35 31.65
C ARG E 16 -7.49 52.10 32.36
N GLY E 17 -6.81 50.99 32.15
CA GLY E 17 -7.28 49.72 32.66
C GLY E 17 -7.61 48.76 31.54
N HIS E 18 -8.24 49.28 30.49
CA HIS E 18 -8.40 48.49 29.27
C HIS E 18 -7.09 48.42 28.49
N GLN E 19 -6.35 49.53 28.43
CA GLN E 19 -5.08 49.54 27.72
C GLN E 19 -4.08 48.59 28.35
N VAL E 20 -4.00 48.58 29.68
CA VAL E 20 -3.04 47.71 30.36
C VAL E 20 -3.37 46.25 30.13
N ALA E 21 -4.65 45.88 30.28
CA ALA E 21 -5.05 44.50 30.07
C ALA E 21 -4.84 44.09 28.62
N LEU E 22 -5.15 44.97 27.67
CA LEU E 22 -4.95 44.63 26.27
C LEU E 22 -3.48 44.46 25.93
N SER E 23 -2.61 45.31 26.50
CA SER E 23 -1.18 45.15 26.26
C SER E 23 -0.67 43.84 26.86
N SER E 24 -1.14 43.48 28.06
CA SER E 24 -0.73 42.22 28.65
C SER E 24 -1.19 41.04 27.82
N ILE E 25 -2.43 41.08 27.33
CA ILE E 25 -2.93 40.01 26.47
C ILE E 25 -2.10 39.93 25.19
N SER E 26 -1.77 41.08 24.62
CA SER E 26 -0.97 41.09 23.40
C SER E 26 0.40 40.44 23.64
N TYR E 27 1.09 40.85 24.71
CA TYR E 27 2.38 40.24 25.01
C TYR E 27 2.27 38.74 25.22
N VAL E 28 1.33 38.32 26.08
CA VAL E 28 1.24 36.91 26.43
C VAL E 28 0.88 36.06 25.21
N GLY E 29 -0.15 36.46 24.49
CA GLY E 29 -0.56 35.71 23.31
C GLY E 29 0.50 35.69 22.23
N CYS E 30 1.15 36.83 22.00
CA CYS E 30 2.17 36.90 20.96
C CYS E 30 3.38 36.03 21.30
N SER E 31 3.81 36.04 22.55
CA SER E 31 4.93 35.19 22.95
C SER E 31 4.57 33.72 22.89
N LEU E 32 3.40 33.36 23.43
CA LEU E 32 2.93 31.99 23.36
C LEU E 32 2.65 31.55 21.94
N SER E 33 2.48 32.49 21.02
CA SER E 33 2.26 32.14 19.62
C SER E 33 3.57 31.98 18.86
N VAL E 34 4.57 32.81 19.15
CA VAL E 34 5.86 32.63 18.48
C VAL E 34 6.56 31.37 18.99
N LEU E 35 6.54 31.13 20.31
CA LEU E 35 7.14 29.92 20.85
C LEU E 35 6.43 28.65 20.41
N CYS E 36 5.23 28.78 19.83
CA CYS E 36 4.47 27.64 19.35
C CYS E 36 4.56 27.48 17.84
N LEU E 37 4.69 28.58 17.11
CA LEU E 37 4.96 28.51 15.68
C LEU E 37 6.36 27.99 15.41
N VAL E 38 7.33 28.30 16.28
CA VAL E 38 8.64 27.65 16.16
C VAL E 38 8.49 26.15 16.23
N ALA E 39 7.65 25.66 17.15
CA ALA E 39 7.42 24.23 17.28
C ALA E 39 6.75 23.66 16.04
N THR E 40 5.73 24.34 15.53
CA THR E 40 5.03 23.81 14.36
C THR E 40 5.90 23.87 13.11
N LEU E 41 6.92 24.72 13.08
CA LEU E 41 7.83 24.76 11.95
C LEU E 41 8.93 23.70 12.06
N VAL E 42 9.48 23.50 13.26
CA VAL E 42 10.48 22.46 13.42
C VAL E 42 9.85 21.09 13.24
N THR E 43 8.57 20.93 13.60
CA THR E 43 7.89 19.67 13.35
C THR E 43 7.83 19.36 11.86
N PHE E 44 7.47 20.35 11.04
CA PHE E 44 7.45 20.14 9.60
C PHE E 44 8.84 19.86 9.06
N ALA E 45 9.85 20.60 9.55
CA ALA E 45 11.22 20.39 9.09
C ALA E 45 11.69 18.97 9.40
N VAL E 46 11.37 18.47 10.60
CA VAL E 46 11.76 17.12 10.98
C VAL E 46 11.00 16.08 10.16
N LEU E 47 9.69 16.27 10.00
CA LEU E 47 8.83 15.28 9.37
C LEU E 47 8.81 15.37 7.85
N SER E 48 9.57 16.29 7.27
CA SER E 48 9.59 16.43 5.81
C SER E 48 10.04 15.17 5.10
N SER E 49 10.75 14.27 5.79
CA SER E 49 11.17 13.02 5.17
C SER E 49 10.01 12.07 4.92
N VAL E 50 8.83 12.34 5.45
CA VAL E 50 7.67 11.47 5.32
C VAL E 50 6.92 11.85 4.05
N SER E 51 6.39 10.84 3.35
CA SER E 51 5.77 11.06 2.05
C SER E 51 4.52 11.93 2.15
N THR E 52 3.69 11.70 3.17
CA THR E 52 2.45 12.45 3.30
C THR E 52 2.71 13.93 3.53
N ILE E 53 3.74 14.26 4.31
CA ILE E 53 4.07 15.65 4.59
C ILE E 53 4.56 16.39 3.35
N ARG E 54 4.99 15.68 2.31
CA ARG E 54 5.60 16.27 1.14
C ARG E 54 4.59 16.68 0.07
N ASN E 55 3.35 16.94 0.44
CA ASN E 55 2.36 17.40 -0.52
C ASN E 55 2.37 18.93 -0.58
N GLN E 56 1.39 19.51 -1.25
CA GLN E 56 1.36 20.95 -1.45
C GLN E 56 0.77 21.70 -0.25
N ARG E 57 -0.15 21.07 0.48
CA ARG E 57 -0.82 21.79 1.55
C ARG E 57 0.11 22.12 2.71
N TYR E 58 1.28 21.51 2.78
CA TYR E 58 2.24 21.84 3.82
C TYR E 58 3.19 22.96 3.42
N HIS E 59 3.35 23.20 2.12
CA HIS E 59 4.03 24.42 1.68
C HIS E 59 3.27 25.65 2.16
N ILE E 60 1.95 25.65 1.97
CA ILE E 60 1.13 26.79 2.37
C ILE E 60 1.18 26.99 3.88
N HIS E 61 1.04 25.89 4.63
CA HIS E 61 1.07 26.00 6.08
C HIS E 61 2.43 26.46 6.59
N ALA E 62 3.51 25.93 6.01
CA ALA E 62 4.85 26.33 6.43
C ALA E 62 5.08 27.82 6.17
N ASN E 63 4.72 28.28 4.97
CA ASN E 63 4.95 29.68 4.64
C ASN E 63 4.05 30.60 5.47
N LEU E 64 2.80 30.21 5.70
CA LEU E 64 1.90 31.01 6.52
C LEU E 64 2.41 31.08 7.96
N SER E 65 2.89 29.96 8.50
CA SER E 65 3.45 29.95 9.84
C SER E 65 4.66 30.85 9.92
N PHE E 66 5.54 30.80 8.92
CA PHE E 66 6.71 31.68 8.91
C PHE E 66 6.29 33.15 8.86
N ALA E 67 5.30 33.47 8.03
CA ALA E 67 4.83 34.84 7.91
C ALA E 67 4.27 35.35 9.22
N VAL E 68 3.41 34.56 9.86
CA VAL E 68 2.82 34.97 11.13
C VAL E 68 3.90 35.07 12.21
N LEU E 69 4.86 34.15 12.21
CA LEU E 69 5.94 34.19 13.20
C LEU E 69 6.75 35.47 13.08
N VAL E 70 7.22 35.80 11.87
CA VAL E 70 8.03 37.00 11.72
C VAL E 70 7.19 38.24 11.97
N ALA E 71 5.93 38.23 11.55
CA ALA E 71 5.07 39.40 11.77
C ALA E 71 4.87 39.67 13.26
N GLN E 72 4.60 38.63 14.04
CA GLN E 72 4.37 38.82 15.46
C GLN E 72 5.65 39.17 16.20
N VAL E 73 6.78 38.59 15.81
CA VAL E 73 8.06 38.99 16.41
C VAL E 73 8.32 40.47 16.14
N LEU E 74 8.10 40.90 14.90
CA LEU E 74 8.34 42.29 14.54
C LEU E 74 7.40 43.22 15.29
N LEU E 75 6.14 42.83 15.46
CA LEU E 75 5.22 43.65 16.24
C LEU E 75 5.65 43.73 17.70
N LEU E 76 6.09 42.61 18.27
CA LEU E 76 6.56 42.63 19.66
C LEU E 76 7.73 43.58 19.83
N ILE E 77 8.68 43.54 18.90
CA ILE E 77 9.78 44.49 18.97
C ILE E 77 9.28 45.91 18.71
N SER E 78 8.24 46.06 17.90
CA SER E 78 7.72 47.37 17.54
C SER E 78 6.94 48.04 18.65
N PHE E 79 6.49 47.28 19.65
CA PHE E 79 5.78 47.88 20.77
C PHE E 79 6.67 48.80 21.59
N ARG E 80 7.99 48.76 21.40
CA ARG E 80 8.93 49.63 22.11
C ARG E 80 9.97 50.13 21.10
N LEU E 81 9.68 51.26 20.47
CA LEU E 81 10.63 51.88 19.55
C LEU E 81 10.68 53.40 19.61
N GLU E 82 9.96 54.05 20.53
CA GLU E 82 9.90 55.51 20.58
C GLU E 82 9.49 56.08 19.23
N PRO E 83 8.21 56.00 18.87
CA PRO E 83 7.79 56.26 17.50
C PRO E 83 8.12 57.67 17.03
N GLY E 84 8.38 57.79 15.72
CA GLY E 84 8.75 59.04 15.11
C GLY E 84 10.20 59.11 14.70
N THR E 85 10.74 58.00 14.19
CA THR E 85 12.15 57.92 13.84
C THR E 85 12.35 56.87 12.77
N THR E 86 13.58 56.77 12.27
CA THR E 86 13.90 55.85 11.18
C THR E 86 13.65 54.39 11.52
N PRO E 87 14.09 53.87 12.67
CA PRO E 87 13.72 52.48 13.00
C PRO E 87 12.22 52.25 13.03
N CYS E 88 11.46 53.25 13.49
CA CYS E 88 10.02 53.13 13.48
C CYS E 88 9.49 52.98 12.06
N GLN E 89 10.01 53.78 11.12
CA GLN E 89 9.54 53.70 9.74
C GLN E 89 9.89 52.36 9.11
N VAL E 90 11.11 51.88 9.31
CA VAL E 90 11.48 50.61 8.70
C VAL E 90 10.67 49.46 9.30
N MET E 91 10.43 49.51 10.62
CA MET E 91 9.62 48.49 11.25
C MET E 91 8.18 48.55 10.76
N ALA E 92 7.66 49.76 10.50
CA ALA E 92 6.31 49.88 9.94
C ALA E 92 6.23 49.25 8.55
N VAL E 93 7.23 49.51 7.71
CA VAL E 93 7.24 48.93 6.37
C VAL E 93 7.27 47.41 6.46
N LEU E 94 8.15 46.88 7.30
CA LEU E 94 8.28 45.43 7.43
C LEU E 94 7.00 44.81 7.97
N LEU E 95 6.39 45.44 8.99
CA LEU E 95 5.15 44.91 9.55
C LEU E 95 4.04 44.89 8.50
N HIS E 96 3.91 45.97 7.73
CA HIS E 96 2.91 46.02 6.69
C HIS E 96 3.11 44.90 5.69
N TYR E 97 4.34 44.74 5.20
CA TYR E 97 4.60 43.70 4.20
C TYR E 97 4.33 42.31 4.75
N PHE E 98 4.76 42.05 5.98
CA PHE E 98 4.64 40.69 6.51
C PHE E 98 3.18 40.36 6.85
N PHE E 99 2.42 41.34 7.33
CA PHE E 99 1.01 41.07 7.60
C PHE E 99 0.23 40.87 6.30
N LEU E 100 0.54 41.64 5.26
CA LEU E 100 -0.10 41.37 3.98
C LEU E 100 0.32 40.02 3.41
N SER E 101 1.57 39.61 3.63
CA SER E 101 1.97 38.27 3.21
C SER E 101 1.20 37.19 3.95
N ALA E 102 0.97 37.40 5.25
CA ALA E 102 0.18 36.45 6.02
C ALA E 102 -1.24 36.36 5.46
N PHE E 103 -1.85 37.50 5.15
CA PHE E 103 -3.21 37.46 4.62
C PHE E 103 -3.25 36.85 3.22
N ALA E 104 -2.22 37.11 2.40
CA ALA E 104 -2.15 36.49 1.09
C ALA E 104 -2.02 34.98 1.20
N TRP E 105 -1.26 34.50 2.18
CA TRP E 105 -1.15 33.06 2.36
C TRP E 105 -2.44 32.47 2.92
N MET E 106 -3.17 33.21 3.74
CA MET E 106 -4.49 32.74 4.16
C MET E 106 -5.43 32.63 2.97
N LEU E 107 -5.36 33.57 2.03
CA LEU E 107 -6.12 33.46 0.79
C LEU E 107 -5.68 32.26 -0.03
N VAL E 108 -4.37 31.99 -0.07
CA VAL E 108 -3.87 30.81 -0.77
C VAL E 108 -4.45 29.54 -0.16
N GLU E 109 -4.47 29.47 1.17
CA GLU E 109 -5.04 28.32 1.85
C GLU E 109 -6.52 28.17 1.53
N GLY E 110 -7.24 29.30 1.50
CA GLY E 110 -8.65 29.25 1.13
C GLY E 110 -8.88 28.72 -0.27
N LEU E 111 -8.07 29.20 -1.23
CA LEU E 111 -8.21 28.74 -2.61
C LEU E 111 -7.85 27.26 -2.74
N HIS E 112 -6.82 26.82 -2.03
CA HIS E 112 -6.45 25.40 -2.07
C HIS E 112 -7.55 24.53 -1.47
N LEU E 113 -8.15 24.98 -0.37
CA LEU E 113 -9.27 24.25 0.22
C LEU E 113 -10.45 24.20 -0.75
N TYR E 114 -10.71 25.31 -1.44
CA TYR E 114 -11.77 25.33 -2.43
C TYR E 114 -11.48 24.35 -3.57
N SER E 115 -10.23 24.27 -4.00
CA SER E 115 -9.85 23.39 -5.09
C SER E 115 -9.70 21.94 -4.68
N MET E 116 -9.69 21.64 -3.37
CA MET E 116 -9.68 20.25 -2.93
C MET E 116 -11.06 19.73 -2.54
N VAL E 117 -11.90 20.55 -1.91
CA VAL E 117 -13.18 20.10 -1.38
C VAL E 117 -14.32 20.36 -2.35
N ILE E 118 -14.46 21.60 -2.82
CA ILE E 118 -15.59 21.94 -3.70
C ILE E 118 -15.34 21.44 -5.11
N LYS E 119 -14.29 21.95 -5.77
CA LYS E 119 -13.90 21.48 -7.10
C LYS E 119 -12.95 20.31 -6.91
N VAL E 120 -13.55 19.12 -6.79
CA VAL E 120 -12.81 17.96 -6.29
C VAL E 120 -11.67 17.59 -7.23
N PHE E 121 -11.92 17.61 -8.53
CA PHE E 121 -10.90 17.23 -9.49
C PHE E 121 -9.98 18.41 -9.80
N GLY E 122 -8.81 18.08 -10.35
CA GLY E 122 -7.84 19.09 -10.74
C GLY E 122 -6.97 19.61 -9.62
N SER E 123 -7.10 19.09 -8.40
CA SER E 123 -6.30 19.57 -7.29
C SER E 123 -4.85 19.15 -7.37
N GLU E 124 -4.56 18.02 -8.02
CA GLU E 124 -3.19 17.50 -8.07
C GLU E 124 -2.27 18.33 -8.96
N ASP E 125 -2.81 19.28 -9.72
CA ASP E 125 -1.98 20.11 -10.58
C ASP E 125 -1.04 20.96 -9.74
N SER E 126 0.18 21.18 -10.26
CA SER E 126 1.20 21.92 -9.54
C SER E 126 1.02 23.40 -9.79
N LYS E 127 0.61 24.13 -8.75
CA LYS E 127 0.44 25.58 -8.80
C LYS E 127 1.34 26.26 -7.78
N HIS E 128 2.54 25.70 -7.56
CA HIS E 128 3.45 26.26 -6.58
C HIS E 128 3.87 27.68 -6.96
N ARG E 129 4.16 27.90 -8.24
CA ARG E 129 4.60 29.23 -8.68
C ARG E 129 3.52 30.27 -8.43
N TYR E 130 2.29 29.96 -8.80
CA TYR E 130 1.19 30.91 -8.63
C TYR E 130 0.95 31.21 -7.16
N TYR E 131 0.96 30.18 -6.31
CA TYR E 131 0.72 30.37 -4.89
C TYR E 131 1.82 31.21 -4.26
N TYR E 132 3.09 30.88 -4.54
CA TYR E 132 4.19 31.65 -3.98
C TYR E 132 4.17 33.09 -4.47
N GLY E 133 3.88 33.29 -5.75
CA GLY E 133 3.77 34.63 -6.28
C GLY E 133 2.69 35.43 -5.59
N MET E 134 1.46 34.93 -5.60
CA MET E 134 0.36 35.70 -5.03
C MET E 134 0.45 35.79 -3.51
N GLY E 135 1.31 34.99 -2.88
CA GLY E 135 1.52 35.10 -1.46
C GLY E 135 2.61 36.08 -1.04
N TRP E 136 3.73 36.11 -1.77
CA TRP E 136 4.86 36.96 -1.40
C TRP E 136 4.97 38.21 -2.28
N GLY E 137 4.91 38.05 -3.60
CA GLY E 137 5.15 39.19 -4.48
C GLY E 137 4.06 40.24 -4.41
N PHE E 138 2.80 39.81 -4.37
CA PHE E 138 1.71 40.78 -4.32
C PHE E 138 1.77 41.71 -3.10
N PRO E 139 2.05 41.23 -1.88
CA PRO E 139 2.31 42.19 -0.80
C PRO E 139 3.43 43.15 -1.10
N LEU E 140 4.46 42.69 -1.82
CA LEU E 140 5.54 43.59 -2.22
C LEU E 140 5.03 44.69 -3.14
N LEU E 141 4.20 44.34 -4.12
CA LEU E 141 3.64 45.35 -5.01
C LEU E 141 2.75 46.33 -4.27
N ILE E 142 1.93 45.81 -3.35
CA ILE E 142 1.06 46.70 -2.58
C ILE E 142 1.90 47.63 -1.70
N CYS E 143 3.03 47.14 -1.17
CA CYS E 143 3.92 48.00 -0.40
C CYS E 143 4.57 49.06 -1.27
N ILE E 144 5.01 48.69 -2.47
CA ILE E 144 5.62 49.67 -3.38
C ILE E 144 4.61 50.76 -3.73
N ILE E 145 3.36 50.38 -3.98
CA ILE E 145 2.32 51.37 -4.19
C ILE E 145 2.12 52.22 -2.94
N SER E 146 2.12 51.57 -1.76
CA SER E 146 1.97 52.31 -0.52
C SER E 146 3.14 53.25 -0.27
N LEU E 147 4.36 52.80 -0.58
CA LEU E 147 5.51 53.68 -0.56
C LEU E 147 5.42 54.67 -1.72
N SER E 148 6.16 55.77 -1.59
CA SER E 148 6.22 56.86 -2.56
C SER E 148 4.88 57.58 -2.71
N PHE E 149 3.85 57.17 -1.97
CA PHE E 149 2.57 57.88 -1.99
C PHE E 149 2.15 58.21 -0.56
N ALA E 150 2.56 57.39 0.40
CA ALA E 150 2.25 57.60 1.81
C ALA E 150 3.47 57.30 2.67
N MET E 151 4.66 57.65 2.19
CA MET E 151 5.88 57.39 2.94
C MET E 151 5.88 58.14 4.26
N ASP E 152 5.43 59.40 4.26
CA ASP E 152 5.38 60.17 5.49
C ASP E 152 4.31 59.66 6.44
N SER E 153 3.44 58.77 5.99
CA SER E 153 2.35 58.24 6.81
C SER E 153 2.71 56.94 7.52
N TYR E 154 4.00 56.71 7.78
CA TYR E 154 4.45 55.52 8.50
C TYR E 154 5.01 55.87 9.87
N GLY E 155 6.04 56.72 9.92
CA GLY E 155 6.60 57.10 11.21
C GLY E 155 5.76 58.11 11.95
N THR E 156 5.07 58.98 11.21
CA THR E 156 4.28 60.06 11.81
C THR E 156 2.97 59.48 12.31
N SER E 157 3.00 58.97 13.54
CA SER E 157 1.81 58.38 14.15
C SER E 157 2.07 58.29 15.65
N ASN E 158 1.02 57.89 16.39
CA ASN E 158 1.16 57.69 17.82
C ASN E 158 1.96 56.43 18.14
N ASN E 159 1.89 55.42 17.27
CA ASN E 159 2.59 54.16 17.48
C ASN E 159 3.35 53.78 16.21
N CYS E 160 4.28 52.84 16.35
CA CYS E 160 5.10 52.39 15.24
C CYS E 160 4.27 51.50 14.32
N TRP E 161 3.34 52.13 13.61
CA TRP E 161 2.45 51.48 12.68
C TRP E 161 1.90 52.55 11.75
N LEU E 162 1.63 52.16 10.51
CA LEU E 162 1.14 53.09 9.51
C LEU E 162 -0.16 53.75 9.95
N SER E 163 -0.24 55.06 9.72
CA SER E 163 -1.20 55.93 10.38
C SER E 163 -2.64 55.69 9.95
N LEU E 164 -3.58 56.20 10.75
CA LEU E 164 -5.00 56.10 10.46
C LEU E 164 -5.66 57.46 10.30
N ALA E 165 -4.90 58.55 10.36
CA ALA E 165 -5.43 59.89 10.16
C ALA E 165 -5.20 60.43 8.76
N SER E 166 -4.52 59.67 7.91
CA SER E 166 -4.26 60.09 6.54
C SER E 166 -4.92 59.19 5.51
N GLY E 167 -5.68 58.17 5.94
CA GLY E 167 -6.30 57.25 5.03
C GLY E 167 -5.39 56.15 4.52
N ALA E 168 -4.12 56.15 4.92
CA ALA E 168 -3.19 55.13 4.46
C ALA E 168 -3.39 53.80 5.16
N ILE E 169 -4.23 53.75 6.20
CA ILE E 169 -4.45 52.50 6.91
C ILE E 169 -5.28 51.51 6.11
N TRP E 170 -6.04 51.99 5.13
CA TRP E 170 -6.85 51.10 4.31
C TRP E 170 -6.00 50.27 3.36
N ALA E 171 -4.72 50.63 3.18
CA ALA E 171 -3.81 49.78 2.44
C ALA E 171 -3.61 48.42 3.11
N PHE E 172 -3.91 48.32 4.40
CA PHE E 172 -3.90 47.04 5.11
C PHE E 172 -5.28 46.45 5.31
N VAL E 173 -6.28 47.29 5.61
CA VAL E 173 -7.62 46.77 5.87
C VAL E 173 -8.27 46.26 4.58
N ALA E 174 -8.16 47.02 3.49
CA ALA E 174 -8.86 46.63 2.26
C ALA E 174 -8.40 45.27 1.72
N PRO E 175 -7.10 44.99 1.55
CA PRO E 175 -6.71 43.61 1.22
C PRO E 175 -7.14 42.61 2.27
N ALA E 176 -7.04 42.97 3.56
CA ALA E 176 -7.50 42.09 4.62
C ALA E 176 -9.00 41.85 4.53
N LEU E 177 -9.77 42.89 4.24
CA LEU E 177 -11.21 42.71 4.11
C LEU E 177 -11.56 41.80 2.94
N PHE E 178 -10.87 41.98 1.81
CA PHE E 178 -11.11 41.11 0.66
C PHE E 178 -10.78 39.65 1.00
N VAL E 179 -9.65 39.43 1.65
CA VAL E 179 -9.26 38.07 2.02
C VAL E 179 -10.29 37.46 2.97
N ILE E 180 -10.75 38.24 3.95
CA ILE E 180 -11.71 37.72 4.92
C ILE E 180 -13.02 37.36 4.24
N VAL E 181 -13.50 38.21 3.31
CA VAL E 181 -14.76 37.92 2.64
C VAL E 181 -14.64 36.67 1.78
N VAL E 182 -13.56 36.55 1.01
CA VAL E 182 -13.39 35.37 0.16
C VAL E 182 -13.28 34.10 1.02
N ASN E 183 -12.53 34.17 2.11
CA ASN E 183 -12.38 33.00 2.96
C ASN E 183 -13.69 32.64 3.65
N ILE E 184 -14.50 33.63 4.02
CA ILE E 184 -15.80 33.33 4.61
C ILE E 184 -16.70 32.64 3.59
N GLY E 185 -16.67 33.09 2.34
CA GLY E 185 -17.45 32.41 1.32
C GLY E 185 -17.01 30.96 1.12
N ILE E 186 -15.69 30.76 1.04
CA ILE E 186 -15.16 29.40 0.87
C ILE E 186 -15.52 28.54 2.07
N LEU E 187 -15.43 29.10 3.27
CA LEU E 187 -15.77 28.36 4.48
C LEU E 187 -17.25 27.99 4.52
N ILE E 188 -18.11 28.89 4.06
CA ILE E 188 -19.54 28.58 4.00
C ILE E 188 -19.77 27.42 3.03
N ALA E 189 -19.12 27.45 1.87
CA ALA E 189 -19.28 26.37 0.91
C ALA E 189 -18.79 25.04 1.48
N VAL E 190 -17.65 25.07 2.17
CA VAL E 190 -17.08 23.84 2.74
C VAL E 190 -17.96 23.32 3.88
N THR E 191 -18.52 24.22 4.69
CA THR E 191 -19.44 23.81 5.74
C THR E 191 -20.68 23.17 5.13
N ARG E 192 -21.20 23.74 4.05
CA ARG E 192 -22.35 23.15 3.39
C ARG E 192 -22.05 21.75 2.86
N VAL E 193 -20.89 21.58 2.22
CA VAL E 193 -20.56 20.27 1.67
C VAL E 193 -20.20 19.26 2.76
N ILE E 194 -19.74 19.71 3.92
CA ILE E 194 -19.45 18.77 4.99
C ILE E 194 -20.71 18.42 5.77
N SER E 195 -21.69 19.32 5.81
CA SER E 195 -22.97 19.00 6.42
C SER E 195 -23.82 18.12 5.51
N GLN E 196 -23.67 18.26 4.19
CA GLN E 196 -24.41 17.41 3.27
C GLN E 196 -24.04 15.94 3.42
N ILE E 197 -22.75 15.66 3.59
CA ILE E 197 -22.27 14.29 3.70
C ILE E 197 -22.08 13.89 5.17
N SER E 198 -22.64 14.63 6.11
CA SER E 198 -22.70 14.26 7.50
C SER E 198 -24.07 13.73 7.91
N ALA E 199 -24.95 13.50 6.95
CA ALA E 199 -26.29 12.97 7.22
C ALA E 199 -26.59 11.78 6.32
N PHE E 211 -23.89 17.99 13.85
CA PHE E 211 -23.60 19.35 14.32
C PHE E 211 -22.16 19.44 14.84
N LYS E 212 -21.74 18.41 15.57
CA LYS E 212 -20.38 18.41 16.12
C LYS E 212 -19.33 18.31 15.03
N LEU E 213 -19.62 17.57 13.95
CA LEU E 213 -18.67 17.48 12.85
C LEU E 213 -18.46 18.83 12.17
N THR E 214 -19.54 19.58 11.97
CA THR E 214 -19.41 20.90 11.38
C THR E 214 -18.66 21.85 12.30
N ALA E 215 -18.93 21.78 13.60
CA ALA E 215 -18.24 22.65 14.56
C ALA E 215 -16.74 22.36 14.57
N LYS E 216 -16.36 21.09 14.52
CA LYS E 216 -14.95 20.75 14.47
C LYS E 216 -14.30 21.27 13.20
N ALA E 217 -15.01 21.16 12.07
CA ALA E 217 -14.47 21.66 10.80
C ALA E 217 -14.25 23.17 10.87
N VAL E 218 -15.22 23.90 11.41
CA VAL E 218 -15.08 25.35 11.52
C VAL E 218 -13.93 25.69 12.46
N ALA E 219 -13.79 24.95 13.57
CA ALA E 219 -12.70 25.22 14.50
C ALA E 219 -11.35 24.98 13.85
N VAL E 220 -11.23 23.92 13.05
CA VAL E 220 -9.96 23.65 12.38
C VAL E 220 -9.67 24.70 11.33
N LEU E 221 -10.70 25.17 10.62
CA LEU E 221 -10.51 26.14 9.54
C LEU E 221 -10.38 27.58 10.02
N LEU E 222 -10.69 27.86 11.28
CA LEU E 222 -10.58 29.24 11.78
C LEU E 222 -9.18 29.82 11.67
N PRO E 223 -8.10 29.15 12.10
CA PRO E 223 -6.79 29.81 12.06
C PRO E 223 -6.23 29.97 10.66
N ILE E 224 -6.32 28.94 9.81
CA ILE E 224 -5.69 29.01 8.50
C ILE E 224 -6.40 30.01 7.59
N LEU E 225 -7.74 29.99 7.59
CA LEU E 225 -8.49 30.89 6.72
C LEU E 225 -8.48 32.32 7.24
N GLY E 226 -8.15 32.53 8.51
CA GLY E 226 -8.04 33.88 9.04
C GLY E 226 -9.33 34.67 9.02
N THR E 227 -10.44 34.04 9.41
CA THR E 227 -11.72 34.72 9.50
C THR E 227 -11.97 35.30 10.89
N SER E 228 -11.02 35.19 11.80
CA SER E 228 -11.14 35.77 13.13
C SER E 228 -10.74 37.23 13.18
N TRP E 229 -10.27 37.80 12.08
CA TRP E 229 -9.90 39.21 12.02
C TRP E 229 -11.07 40.14 11.74
N VAL E 230 -12.25 39.59 11.42
CA VAL E 230 -13.42 40.41 11.17
C VAL E 230 -13.87 41.11 12.44
N PHE E 231 -13.51 40.59 13.61
CA PHE E 231 -13.90 41.23 14.86
C PHE E 231 -13.28 42.61 14.99
N GLY E 232 -12.02 42.76 14.60
CA GLY E 232 -11.33 44.02 14.80
C GLY E 232 -11.81 45.16 13.93
N VAL E 233 -12.35 44.85 12.75
CA VAL E 233 -12.86 45.87 11.85
C VAL E 233 -14.28 46.30 12.22
N LEU E 234 -14.91 45.59 13.16
CA LEU E 234 -16.26 45.90 13.60
C LEU E 234 -16.29 46.90 14.74
N ALA E 235 -15.14 47.43 15.16
CA ALA E 235 -15.08 48.46 16.18
C ALA E 235 -15.18 49.81 15.50
N VAL E 236 -16.41 50.28 15.27
CA VAL E 236 -16.65 51.52 14.56
C VAL E 236 -17.49 52.46 15.42
N ASN E 237 -18.58 51.93 15.99
CA ASN E 237 -19.50 52.77 16.75
C ASN E 237 -18.83 53.38 17.98
N GLY E 238 -18.01 52.61 18.67
CA GLY E 238 -17.33 53.05 19.87
C GLY E 238 -17.61 52.20 21.09
N CYS E 239 -18.69 51.42 21.08
CA CYS E 239 -19.02 50.50 22.18
C CYS E 239 -18.52 49.09 21.90
N ALA E 240 -17.40 48.96 21.19
CA ALA E 240 -16.86 47.66 20.80
C ALA E 240 -15.55 47.36 21.52
N VAL E 241 -15.46 47.74 22.80
CA VAL E 241 -14.30 47.36 23.60
C VAL E 241 -14.24 45.85 23.73
N VAL E 242 -15.40 45.21 23.89
CA VAL E 242 -15.44 43.74 23.93
C VAL E 242 -14.98 43.17 22.59
N PHE E 243 -15.35 43.81 21.49
CA PHE E 243 -14.91 43.33 20.18
C PHE E 243 -13.40 43.45 20.02
N GLN E 244 -12.82 44.55 20.50
CA GLN E 244 -11.37 44.68 20.47
C GLN E 244 -10.71 43.61 21.33
N TYR E 245 -11.30 43.32 22.50
CA TYR E 245 -10.77 42.27 23.36
C TYR E 245 -10.76 40.92 22.63
N MET E 246 -11.89 40.57 22.00
CA MET E 246 -11.94 39.30 21.28
C MET E 246 -10.96 39.27 20.13
N PHE E 247 -10.85 40.37 19.38
CA PHE E 247 -9.91 40.42 18.27
C PHE E 247 -8.49 40.16 18.77
N ALA E 248 -8.08 40.88 19.80
CA ALA E 248 -6.72 40.72 20.32
C ALA E 248 -6.49 39.31 20.82
N THR E 249 -7.35 38.82 21.72
CA THR E 249 -7.10 37.54 22.39
C THR E 249 -7.37 36.34 21.51
N LEU E 250 -8.02 36.51 20.35
CA LEU E 250 -8.28 35.41 19.45
C LEU E 250 -7.43 35.42 18.21
N ASN E 251 -6.80 36.55 17.87
CA ASN E 251 -5.86 36.60 16.76
C ASN E 251 -4.41 36.67 17.21
N SER E 252 -4.13 36.93 18.48
CA SER E 252 -2.77 36.82 18.98
C SER E 252 -2.37 35.37 19.21
N LEU E 253 -3.34 34.51 19.50
CA LEU E 253 -3.12 33.08 19.70
C LEU E 253 -3.24 32.29 18.40
N GLN E 254 -3.04 32.93 17.26
CA GLN E 254 -3.19 32.27 15.98
C GLN E 254 -2.16 31.15 15.81
N GLY E 255 -0.92 31.39 16.26
CA GLY E 255 0.09 30.35 16.17
C GLY E 255 -0.23 29.15 17.05
N LEU E 256 -0.72 29.40 18.26
CA LEU E 256 -1.13 28.30 19.13
C LEU E 256 -2.26 27.50 18.49
N PHE E 257 -3.24 28.18 17.91
CA PHE E 257 -4.34 27.47 17.26
C PHE E 257 -3.84 26.67 16.05
N ILE E 258 -2.90 27.23 15.29
CA ILE E 258 -2.35 26.53 14.14
C ILE E 258 -1.64 25.26 14.57
N PHE E 259 -0.82 25.37 15.62
CA PHE E 259 -0.08 24.21 16.10
C PHE E 259 -1.02 23.16 16.68
N LEU E 260 -2.07 23.59 17.38
CA LEU E 260 -2.99 22.62 17.97
C LEU E 260 -3.80 21.90 16.90
N PHE E 261 -4.36 22.64 15.94
CA PHE E 261 -5.28 22.05 14.98
C PHE E 261 -4.61 21.55 13.71
N HIS E 262 -3.38 21.98 13.44
CA HIS E 262 -2.72 21.61 12.20
C HIS E 262 -1.31 21.04 12.41
N CYS E 263 -0.90 20.83 13.66
CA CYS E 263 0.37 20.19 13.94
C CYS E 263 0.32 19.16 15.04
N LEU E 264 -0.73 19.10 15.84
CA LEU E 264 -0.79 18.17 16.97
C LEU E 264 -2.03 17.30 16.94
N LEU E 265 -3.18 17.83 16.53
CA LEU E 265 -4.39 17.04 16.38
C LEU E 265 -4.56 16.49 14.97
N ASN E 266 -3.62 16.76 14.08
CA ASN E 266 -3.65 16.23 12.73
C ASN E 266 -3.26 14.75 12.75
N SER E 267 -4.09 13.90 12.16
CA SER E 267 -3.81 12.48 12.15
C SER E 267 -2.57 12.16 11.32
N GLU E 268 -2.39 12.84 10.20
CA GLU E 268 -1.23 12.59 9.36
C GLU E 268 0.06 12.97 10.07
N VAL E 269 0.07 14.14 10.72
CA VAL E 269 1.27 14.57 11.44
C VAL E 269 1.57 13.64 12.61
N ARG E 270 0.54 13.25 13.36
CA ARG E 270 0.75 12.34 14.47
C ARG E 270 1.27 10.98 14.01
N ALA E 271 0.71 10.46 12.91
CA ALA E 271 1.18 9.18 12.39
C ALA E 271 2.63 9.28 11.91
N ALA E 272 2.97 10.38 11.22
CA ALA E 272 4.34 10.56 10.76
C ALA E 272 5.30 10.67 11.94
N PHE E 273 4.88 11.36 13.00
CA PHE E 273 5.73 11.47 14.18
C PHE E 273 5.89 10.12 14.88
N LYS E 274 4.83 9.32 14.91
CA LYS E 274 4.94 7.97 15.48
C LYS E 274 5.91 7.11 14.69
N HIS E 275 5.82 7.16 13.35
CA HIS E 275 6.77 6.42 12.53
C HIS E 275 8.20 6.91 12.75
N LYS E 276 8.38 8.23 12.83
CA LYS E 276 9.71 8.77 13.02
C LYS E 276 10.28 8.39 14.38
N THR E 277 9.45 8.38 15.42
CA THR E 277 9.95 8.01 16.74
C THR E 277 10.21 6.52 16.86
N LYS E 278 9.48 5.68 16.11
CA LYS E 278 9.82 4.26 16.12
C LYS E 278 11.09 4.01 15.30
N VAL E 279 11.37 4.85 14.32
CA VAL E 279 12.66 4.79 13.63
C VAL E 279 13.79 5.21 14.57
N TRP E 280 13.60 6.31 15.29
CA TRP E 280 14.64 6.83 16.19
C TRP E 280 14.87 5.91 17.37
N SER E 281 13.84 5.22 17.85
CA SER E 281 14.02 4.28 18.96
C SER E 281 14.96 3.15 18.58
N LEU E 282 15.05 2.83 17.30
CA LEU E 282 15.99 1.82 16.81
C LEU E 282 17.35 2.42 16.49
N THR E 283 17.93 3.13 17.46
CA THR E 283 19.23 3.74 17.31
C THR E 283 19.84 4.06 18.67
#